data_2R4E
#
_entry.id   2R4E
#
_cell.length_a   113.848
_cell.length_b   113.822
_cell.length_c   193.133
_cell.angle_alpha   90.00
_cell.angle_beta   90.00
_cell.angle_gamma   90.00
#
_symmetry.space_group_name_H-M   'I 2 2 2'
#
loop_
_entity.id
_entity.type
_entity.pdbx_description
1 polymer 'Aerobic glycerol-3-phosphate dehydrogenase'
2 non-polymer 'octyl beta-D-glucopyranoside'
3 non-polymer 'PHOSPHATE ION'
4 non-polymer 'FLAVIN-ADENINE DINUCLEOTIDE'
5 non-polymer 1,3-DIHYDROXYACETONEPHOSPHATE
6 non-polymer 1,2-ETHANEDIOL
7 non-polymer IMIDAZOLE
8 non-polymer 'N-(TRIS(HYDROXYMETHYL)METHYL)-3-AMINOPROPANESULFONIC ACID'
9 water water
#
_entity_poly.entity_id   1
_entity_poly.type   'polypeptide(L)'
_entity_poly.pdbx_seq_one_letter_code
;METKDLIVIGGGINGAGIAADAAGRGLSVLMLEAQDLACATSSASSKLIHGGLRYLEHYEFRLVSEALAEREVLLKMAPH
IAFPMRFRLPHRPHLRPAWMIRIGLFMYDHLGKRTSLPGSTGLRFGANSVLKPEIKRGFEYSDCWVDDARLVLANAQMVV
RKGGEVLTRTRATSARRENGLWIVEAEDIDTGKKYSWQARGLVNATGPWVKQFFDDGMHLPSPYGIRLIKGSHIVVPRVH
TQKQAYILQNEDKRIVFVIPWMDEFSIIGTTDVEYKGDPKAVKIEESEINYLLNVYNTHFKKQLSRDDIVWTYSGVRPLC
DDESDSPQAITRDYTLDIHDENGKAPLLSVFGGKLTTYRKLAEHALEKLTPYYQGIGPAWTKESVLPGGAIEGDRDDYAA
RLRRRYPFLTESLARHYARTYGSNSELLLGNAGTVSDLGEDFGHEFYEAELKYLVDHEWVRRADDALWRRTKQGMWLNAD
QQSRVSQWLVEYTQQRLSLAS
;
_entity_poly.pdbx_strand_id   A,B
#
# COMPACT_ATOMS: atom_id res chain seq x y z
N MET A 1 -32.39 -6.67 6.76
CA MET A 1 -31.28 -6.42 7.73
C MET A 1 -30.08 -5.78 6.98
N GLU A 2 -30.06 -4.44 6.77
CA GLU A 2 -30.92 -3.34 7.32
C GLU A 2 -30.62 -2.89 8.80
N THR A 3 -30.21 -3.84 9.65
CA THR A 3 -29.88 -3.58 11.05
C THR A 3 -28.37 -3.62 11.23
N LYS A 4 -27.79 -2.58 11.85
CA LYS A 4 -26.33 -2.48 12.08
C LYS A 4 -25.94 -3.17 13.34
N ASP A 5 -24.73 -3.69 13.44
CA ASP A 5 -24.31 -4.15 14.72
C ASP A 5 -24.17 -2.96 15.68
N LEU A 6 -23.56 -1.90 15.19
CA LEU A 6 -23.12 -0.81 16.07
C LEU A 6 -23.29 0.52 15.34
N ILE A 7 -23.93 1.46 16.02
CA ILE A 7 -23.91 2.88 15.65
C ILE A 7 -23.04 3.68 16.64
N VAL A 8 -22.08 4.39 16.03
CA VAL A 8 -21.20 5.31 16.74
C VAL A 8 -21.66 6.75 16.44
N ILE A 9 -22.04 7.49 17.48
CA ILE A 9 -22.48 8.87 17.28
C ILE A 9 -21.29 9.68 17.70
N GLY A 10 -20.68 10.40 16.77
CA GLY A 10 -19.53 11.25 17.07
C GLY A 10 -18.43 10.90 16.11
N GLY A 11 -17.94 11.90 15.41
CA GLY A 11 -16.77 11.66 14.55
C GLY A 11 -15.56 12.51 14.85
N GLY A 12 -15.28 12.71 16.12
CA GLY A 12 -13.96 13.11 16.52
C GLY A 12 -13.09 11.90 16.62
N ILE A 13 -11.99 12.03 17.35
CA ILE A 13 -10.98 10.96 17.42
C ILE A 13 -11.51 9.71 18.15
N ASN A 14 -12.28 9.89 19.24
CA ASN A 14 -12.74 8.67 19.97
C ASN A 14 -13.83 7.91 19.25
N GLY A 15 -14.78 8.60 18.64
CA GLY A 15 -15.79 7.95 17.84
C GLY A 15 -15.14 7.29 16.59
N ALA A 16 -14.20 7.97 15.90
CA ALA A 16 -13.57 7.33 14.68
C ALA A 16 -12.76 6.08 15.05
N GLY A 17 -12.01 6.16 16.16
CA GLY A 17 -11.22 5.05 16.72
C GLY A 17 -12.06 3.85 17.15
N ILE A 18 -13.21 4.13 17.78
CA ILE A 18 -14.15 3.07 18.14
C ILE A 18 -14.74 2.41 16.93
N ALA A 19 -15.24 3.23 15.99
CA ALA A 19 -15.89 2.70 14.78
C ALA A 19 -14.91 1.81 13.99
N ALA A 20 -13.66 2.23 13.93
CA ALA A 20 -12.62 1.59 13.10
C ALA A 20 -12.19 0.26 13.69
N ASP A 21 -11.82 0.29 14.98
CA ASP A 21 -11.68 -0.96 15.76
C ASP A 21 -12.92 -1.87 15.54
N ALA A 22 -14.12 -1.41 15.82
CA ALA A 22 -15.31 -2.29 15.58
C ALA A 22 -15.44 -2.89 14.13
N ALA A 23 -15.26 -2.05 13.10
CA ALA A 23 -15.33 -2.56 11.71
C ALA A 23 -14.33 -3.71 11.45
N GLY A 24 -13.14 -3.58 12.04
CA GLY A 24 -12.05 -4.56 11.89
C GLY A 24 -12.20 -5.78 12.81
N ARG A 25 -13.39 -5.97 13.36
CA ARG A 25 -13.70 -7.19 14.09
C ARG A 25 -14.93 -7.78 13.47
N GLY A 26 -15.30 -7.25 12.31
CA GLY A 26 -16.40 -7.79 11.55
C GLY A 26 -17.77 -7.31 11.96
N LEU A 27 -17.86 -6.35 12.90
CA LEU A 27 -19.18 -5.72 13.16
C LEU A 27 -19.55 -4.82 12.00
N SER A 28 -20.82 -4.78 11.63
CA SER A 28 -21.28 -3.78 10.69
C SER A 28 -21.45 -2.46 11.45
N VAL A 29 -20.64 -1.46 11.11
CA VAL A 29 -20.60 -0.15 11.80
C VAL A 29 -21.05 1.00 10.92
N LEU A 30 -21.87 1.89 11.51
CA LEU A 30 -22.17 3.21 10.97
C LEU A 30 -21.69 4.26 12.02
N MET A 31 -20.93 5.24 11.55
CA MET A 31 -20.44 6.31 12.40
C MET A 31 -21.16 7.53 11.89
N LEU A 32 -21.77 8.29 12.78
CA LEU A 32 -22.51 9.48 12.43
C LEU A 32 -21.76 10.74 12.94
N GLU A 33 -21.54 11.73 12.06
CA GLU A 33 -20.89 13.01 12.49
C GLU A 33 -21.77 14.19 12.07
N ALA A 34 -22.11 15.03 13.06
CA ALA A 34 -23.10 16.04 12.83
C ALA A 34 -22.64 17.06 11.81
N GLN A 35 -21.37 17.38 11.80
CA GLN A 35 -20.86 18.40 10.86
C GLN A 35 -19.67 17.83 10.04
N ASP A 36 -18.41 18.09 10.41
CA ASP A 36 -17.27 17.52 9.69
C ASP A 36 -16.51 16.65 10.65
N LEU A 37 -15.75 15.68 10.11
CA LEU A 37 -14.79 14.90 10.90
C LEU A 37 -13.83 15.81 11.64
N ALA A 38 -13.60 15.52 12.93
CA ALA A 38 -12.76 16.40 13.75
C ALA A 38 -13.17 17.91 13.84
N CYS A 39 -14.39 18.27 13.48
CA CYS A 39 -14.77 19.66 13.55
C CYS A 39 -14.71 20.29 14.93
N ALA A 40 -14.56 19.53 16.04
CA ALA A 40 -14.60 20.16 17.39
C ALA A 40 -13.33 19.95 18.09
N THR A 41 -13.36 19.25 19.23
CA THR A 41 -12.18 19.17 20.10
C THR A 41 -10.93 18.60 19.43
N SER A 42 -11.14 17.61 18.54
CA SER A 42 -10.09 16.84 17.86
C SER A 42 -9.27 17.60 16.80
N SER A 43 -9.68 18.82 16.44
CA SER A 43 -8.91 19.68 15.60
C SER A 43 -8.41 20.89 16.42
N ALA A 44 -8.71 20.98 17.72
CA ALA A 44 -8.35 22.11 18.57
C ALA A 44 -7.27 21.85 19.62
N SER A 45 -6.50 20.78 19.43
CA SER A 45 -5.63 20.27 20.46
C SER A 45 -4.28 20.93 20.32
N SER A 46 -3.32 20.57 21.20
CA SER A 46 -1.92 21.04 21.06
C SER A 46 -1.12 20.17 20.06
N LYS A 47 -1.79 19.17 19.52
CA LYS A 47 -1.26 18.30 18.44
C LYS A 47 -0.06 17.42 18.88
N LEU A 48 -0.07 16.94 20.14
CA LEU A 48 1.04 16.18 20.73
C LEU A 48 0.62 14.79 21.10
N ILE A 49 1.43 13.80 20.76
CA ILE A 49 1.26 12.48 21.35
C ILE A 49 2.25 12.52 22.48
N HIS A 50 1.72 12.68 23.67
CA HIS A 50 2.56 12.91 24.79
C HIS A 50 2.19 11.99 25.94
N GLY A 51 3.17 11.70 26.81
CA GLY A 51 2.92 10.97 28.06
C GLY A 51 2.15 11.76 29.10
N GLY A 52 2.40 13.07 29.16
CA GLY A 52 1.67 13.98 29.99
C GLY A 52 2.51 14.24 31.21
N LEU A 53 3.65 14.88 30.99
CA LEU A 53 4.63 15.10 32.05
C LEU A 53 4.03 15.75 33.30
N ARG A 54 3.30 16.85 33.12
CA ARG A 54 2.65 17.57 34.25
C ARG A 54 1.69 16.72 35.13
N TYR A 55 1.11 15.64 34.57
CA TYR A 55 0.20 14.75 35.28
C TYR A 55 0.85 13.84 36.34
N LEU A 56 2.14 13.56 36.18
CA LEU A 56 2.94 12.89 37.23
C LEU A 56 2.83 13.55 38.64
N GLU A 57 2.92 14.88 38.68
CA GLU A 57 2.65 15.70 39.85
C GLU A 57 1.32 15.41 40.55
N HIS A 58 0.40 14.77 39.83
CA HIS A 58 -0.94 14.46 40.35
C HIS A 58 -1.13 12.93 40.47
N TYR A 59 -0.04 12.17 40.37
CA TYR A 59 -0.01 10.70 40.58
C TYR A 59 -0.70 9.84 39.53
N GLU A 60 -0.94 10.46 38.37
CA GLU A 60 -1.72 9.88 37.26
C GLU A 60 -0.95 8.78 36.49
N PHE A 61 -0.47 7.77 37.22
CA PHE A 61 0.41 6.76 36.66
C PHE A 61 -0.25 5.87 35.62
N ARG A 62 -1.52 5.50 35.82
CA ARG A 62 -2.20 4.69 34.83
C ARG A 62 -2.16 5.43 33.47
N LEU A 63 -2.57 6.72 33.48
CA LEU A 63 -2.63 7.54 32.25
C LEU A 63 -1.25 7.78 31.58
N VAL A 64 -0.31 8.34 32.33
CA VAL A 64 1.02 8.68 31.88
C VAL A 64 1.75 7.44 31.34
N SER A 65 1.55 6.30 31.98
CA SER A 65 2.26 5.15 31.52
C SER A 65 1.57 4.60 30.30
N GLU A 66 0.22 4.56 30.27
CA GLU A 66 -0.47 4.14 29.04
C GLU A 66 -0.13 5.04 27.80
N ALA A 67 -0.15 6.36 28.03
CA ALA A 67 0.11 7.39 27.04
C ALA A 67 1.58 7.34 26.55
N LEU A 68 2.51 7.18 27.48
CA LEU A 68 3.94 7.02 27.15
C LEU A 68 4.22 5.86 26.18
N ALA A 69 3.61 4.71 26.45
CA ALA A 69 3.75 3.50 25.61
C ALA A 69 3.01 3.61 24.27
N GLU A 70 1.87 4.31 24.26
CA GLU A 70 1.15 4.54 23.00
C GLU A 70 1.87 5.40 22.00
N ARG A 71 2.82 6.27 22.42
CA ARG A 71 3.55 7.14 21.48
C ARG A 71 4.15 6.30 20.33
N GLU A 72 4.77 5.19 20.69
CA GLU A 72 5.38 4.34 19.70
C GLU A 72 4.43 3.43 18.94
N VAL A 73 3.30 3.05 19.51
CA VAL A 73 2.32 2.39 18.66
C VAL A 73 1.85 3.35 17.55
N LEU A 74 1.62 4.64 17.89
CA LEU A 74 1.02 5.65 16.97
C LEU A 74 1.98 6.11 15.87
N LEU A 75 3.23 6.39 16.23
CA LEU A 75 4.31 6.66 15.26
C LEU A 75 4.52 5.55 14.23
N LYS A 76 4.14 4.32 14.55
CA LYS A 76 4.18 3.23 13.56
C LYS A 76 2.87 3.10 12.80
N MET A 77 1.76 3.48 13.41
CA MET A 77 0.48 3.42 12.71
C MET A 77 0.34 4.52 11.67
N ALA A 78 0.93 5.69 11.95
CA ALA A 78 0.70 6.90 11.16
C ALA A 78 1.99 7.70 10.98
N PRO A 79 3.05 7.07 10.36
CA PRO A 79 4.29 7.85 10.26
C PRO A 79 4.14 9.00 9.23
N HIS A 80 3.10 8.99 8.42
CA HIS A 80 2.88 10.17 7.50
C HIS A 80 2.58 11.48 8.26
N ILE A 81 1.88 11.39 9.39
CA ILE A 81 1.38 12.60 10.05
C ILE A 81 1.85 12.73 11.51
N ALA A 82 2.63 11.77 11.97
CA ALA A 82 3.09 11.74 13.35
C ALA A 82 4.58 11.57 13.31
N PHE A 83 5.30 12.25 14.21
CA PHE A 83 6.75 12.14 14.26
C PHE A 83 7.31 12.56 15.65
N PRO A 84 8.53 12.05 15.99
CA PRO A 84 9.28 12.50 17.18
C PRO A 84 9.64 13.98 17.29
N MET A 85 9.57 14.49 18.49
CA MET A 85 9.92 15.89 18.73
C MET A 85 10.68 15.91 20.04
N ARG A 86 11.57 16.89 20.22
CA ARG A 86 12.26 17.11 21.48
C ARG A 86 11.77 18.37 22.13
N PHE A 87 11.61 18.29 23.46
CA PHE A 87 11.03 19.38 24.21
C PHE A 87 12.08 19.89 25.15
N ARG A 88 12.24 21.20 25.19
CA ARG A 88 13.10 21.85 26.12
C ARG A 88 12.36 22.54 27.25
N LEU A 89 12.62 22.04 28.46
CA LEU A 89 12.13 22.63 29.70
C LEU A 89 13.16 23.57 30.39
N PRO A 90 13.01 24.92 30.26
CA PRO A 90 13.86 25.86 31.02
C PRO A 90 13.69 25.78 32.55
N HIS A 91 14.78 26.00 33.28
CA HIS A 91 14.81 25.77 34.74
C HIS A 91 14.39 27.04 35.47
N ARG A 92 13.42 26.86 36.35
CA ARG A 92 12.86 27.93 37.11
C ARG A 92 12.81 27.37 38.52
N PRO A 93 13.98 27.38 39.22
CA PRO A 93 14.16 26.66 40.52
C PRO A 93 13.20 27.20 41.58
N HIS A 94 12.85 28.50 41.50
CA HIS A 94 11.80 29.05 42.34
C HIS A 94 10.43 28.40 42.19
N LEU A 95 10.24 27.52 41.20
CA LEU A 95 8.91 26.94 40.94
C LEU A 95 8.98 25.49 41.21
N ARG A 96 9.99 24.85 40.64
CA ARG A 96 10.22 23.41 40.83
C ARG A 96 11.72 23.21 40.93
N PRO A 97 12.16 22.40 41.89
CA PRO A 97 13.58 22.27 42.14
C PRO A 97 14.19 21.27 41.17
N ALA A 98 15.47 21.46 40.86
CA ALA A 98 16.09 20.59 39.85
C ALA A 98 15.91 19.14 40.19
N TRP A 99 16.11 18.80 41.47
CA TRP A 99 16.04 17.40 41.90
C TRP A 99 14.70 16.74 41.61
N MET A 100 13.64 17.54 41.63
CA MET A 100 12.29 17.07 41.31
C MET A 100 12.10 16.87 39.78
N ILE A 101 12.51 17.87 39.00
CA ILE A 101 12.53 17.72 37.55
C ILE A 101 13.26 16.42 37.17
N ARG A 102 14.49 16.32 37.69
CA ARG A 102 15.38 15.22 37.41
C ARG A 102 14.75 13.87 37.75
N ILE A 103 13.76 13.82 38.64
CA ILE A 103 13.07 12.54 38.99
C ILE A 103 11.88 12.21 38.06
N GLY A 104 11.04 13.21 37.75
CA GLY A 104 9.92 12.99 36.81
C GLY A 104 10.38 12.53 35.42
N LEU A 105 11.46 13.15 34.97
CA LEU A 105 12.15 12.82 33.70
C LEU A 105 12.60 11.35 33.68
N PHE A 106 13.05 10.85 34.83
CA PHE A 106 13.36 9.40 34.96
C PHE A 106 12.12 8.54 34.75
N MET A 107 11.02 8.89 35.44
CA MET A 107 9.73 8.20 35.24
C MET A 107 9.18 8.26 33.80
N TYR A 108 9.29 9.43 33.19
CA TYR A 108 8.90 9.64 31.78
C TYR A 108 9.63 8.65 30.87
N ASP A 109 10.93 8.47 31.19
CA ASP A 109 11.83 7.56 30.47
C ASP A 109 11.46 6.08 30.55
N HIS A 110 11.06 5.59 31.73
CA HIS A 110 10.89 4.12 31.94
C HIS A 110 9.48 3.63 32.30
N LEU A 111 8.58 4.56 32.59
CA LEU A 111 7.17 4.27 32.91
C LEU A 111 6.36 3.59 31.75
N GLY A 112 6.71 3.85 30.49
CA GLY A 112 5.93 3.31 29.37
C GLY A 112 6.65 2.25 28.54
N LYS A 113 7.97 2.40 28.47
CA LYS A 113 8.87 1.49 27.73
C LYS A 113 8.99 1.89 26.26
N ARG A 114 10.23 2.13 25.84
CA ARG A 114 10.45 2.82 24.57
C ARG A 114 11.57 2.24 23.70
N THR A 115 11.18 1.22 22.94
CA THR A 115 11.84 0.68 21.75
C THR A 115 12.65 1.67 20.95
N SER A 116 12.38 2.99 21.02
CA SER A 116 13.00 3.88 20.00
C SER A 116 13.24 5.38 20.26
N LEU A 117 12.47 6.02 21.13
CA LEU A 117 12.59 7.46 21.33
C LEU A 117 13.78 7.78 22.22
N PRO A 118 14.54 8.83 21.92
CA PRO A 118 15.66 9.13 22.85
C PRO A 118 15.29 9.67 24.27
N GLY A 119 16.25 9.61 25.20
CA GLY A 119 15.98 9.87 26.62
C GLY A 119 16.38 11.28 26.98
N SER A 120 16.23 11.60 28.25
CA SER A 120 16.36 12.96 28.68
C SER A 120 17.80 13.35 28.92
N THR A 121 18.06 14.66 28.78
CA THR A 121 19.38 15.24 28.98
C THR A 121 19.21 16.56 29.73
N GLY A 122 20.29 17.13 30.26
CA GLY A 122 20.26 18.47 30.84
C GLY A 122 20.82 19.42 29.80
N LEU A 123 20.70 20.74 30.02
CA LEU A 123 21.08 21.73 29.02
C LEU A 123 21.58 22.96 29.71
N ARG A 124 22.51 23.65 29.07
CA ARG A 124 22.96 24.94 29.53
C ARG A 124 22.58 25.94 28.43
N PHE A 125 22.23 27.16 28.83
CA PHE A 125 21.81 28.21 27.93
C PHE A 125 22.78 29.32 28.13
N GLY A 126 23.39 29.77 27.03
CA GLY A 126 24.37 30.84 27.10
C GLY A 126 23.85 32.14 26.60
N ALA A 127 24.79 33.05 26.35
CA ALA A 127 24.50 34.44 25.95
C ALA A 127 23.89 34.48 24.59
N ASN A 128 24.10 33.42 23.81
CA ASN A 128 23.58 33.37 22.46
C ASN A 128 22.28 32.59 22.30
N SER A 129 21.68 32.11 23.39
CA SER A 129 20.47 31.28 23.26
C SER A 129 19.24 32.13 22.86
N VAL A 130 18.07 31.47 22.66
CA VAL A 130 16.82 32.23 22.35
C VAL A 130 16.16 32.73 23.66
N LEU A 131 16.57 32.13 24.79
CA LEU A 131 16.00 32.45 26.11
C LEU A 131 16.66 33.68 26.74
N LYS A 132 15.97 34.39 27.62
CA LYS A 132 16.60 35.48 28.37
C LYS A 132 17.90 35.04 29.11
N PRO A 133 18.90 35.94 29.24
CA PRO A 133 20.24 35.49 29.69
C PRO A 133 20.26 34.91 31.11
N GLU A 134 19.32 35.39 31.95
CA GLU A 134 19.20 34.95 33.31
C GLU A 134 18.61 33.56 33.44
N ILE A 135 18.14 32.95 32.34
CA ILE A 135 17.77 31.54 32.38
C ILE A 135 19.01 30.84 31.87
N LYS A 136 19.55 29.90 32.65
CA LYS A 136 20.86 29.38 32.29
C LYS A 136 20.88 27.91 32.26
N ARG A 137 19.82 27.28 32.74
CA ARG A 137 19.81 25.82 32.75
C ARG A 137 18.46 25.24 32.19
N GLY A 138 18.46 24.02 31.70
CA GLY A 138 17.21 23.38 31.38
C GLY A 138 17.39 21.91 31.24
N PHE A 139 16.39 21.26 30.61
CA PHE A 139 16.27 19.84 30.40
C PHE A 139 15.58 19.58 29.03
N GLU A 140 15.85 18.43 28.44
CA GLU A 140 15.31 18.06 27.16
C GLU A 140 14.87 16.61 27.22
N TYR A 141 13.68 16.31 26.64
CA TYR A 141 13.12 14.95 26.58
C TYR A 141 12.33 14.78 25.31
N SER A 142 11.88 13.55 25.08
CA SER A 142 11.06 13.22 23.93
C SER A 142 9.53 13.16 24.16
N ASP A 143 8.80 13.55 23.12
CA ASP A 143 7.38 13.26 22.96
C ASP A 143 7.12 13.31 21.44
N CYS A 144 5.87 13.27 20.98
CA CYS A 144 5.60 13.24 19.55
C CYS A 144 4.60 14.32 19.10
N TRP A 145 4.63 14.63 17.82
CA TRP A 145 3.69 15.57 17.21
C TRP A 145 2.84 14.79 16.25
N VAL A 146 1.55 15.11 16.22
CA VAL A 146 0.59 14.48 15.30
C VAL A 146 -0.40 15.52 14.71
N ASP A 147 -0.70 15.35 13.41
CA ASP A 147 -1.72 16.13 12.72
C ASP A 147 -3.09 15.62 13.16
N ASP A 148 -3.60 16.22 14.26
CA ASP A 148 -4.75 15.70 14.96
C ASP A 148 -5.98 15.46 14.04
N ALA A 149 -6.38 16.46 13.30
CA ALA A 149 -7.52 16.32 12.40
C ALA A 149 -7.31 15.21 11.35
N ARG A 150 -6.09 15.01 10.92
CA ARG A 150 -5.79 13.96 9.90
C ARG A 150 -5.66 12.57 10.50
N LEU A 151 -5.39 12.48 11.80
CA LEU A 151 -5.48 11.21 12.53
C LEU A 151 -6.95 10.76 12.62
N VAL A 152 -7.85 11.70 12.93
CA VAL A 152 -9.25 11.40 12.85
C VAL A 152 -9.62 10.93 11.38
N LEU A 153 -9.29 11.73 10.36
CA LEU A 153 -9.57 11.30 8.95
C LEU A 153 -9.04 9.85 8.67
N ALA A 154 -7.82 9.54 9.10
CA ALA A 154 -7.21 8.21 8.81
C ALA A 154 -8.04 7.09 9.43
N ASN A 155 -8.60 7.33 10.64
CA ASN A 155 -9.48 6.34 11.22
C ASN A 155 -10.80 6.20 10.50
N ALA A 156 -11.34 7.30 9.96
CA ALA A 156 -12.59 7.23 9.22
C ALA A 156 -12.45 6.41 7.95
N GLN A 157 -11.31 6.60 7.31
CA GLN A 157 -10.95 5.82 6.10
C GLN A 157 -10.82 4.34 6.46
N MET A 158 -10.22 4.05 7.58
CA MET A 158 -10.14 2.71 8.12
C MET A 158 -11.51 2.04 8.29
N VAL A 159 -12.48 2.75 8.89
CA VAL A 159 -13.88 2.31 8.95
C VAL A 159 -14.42 1.76 7.60
N VAL A 160 -14.39 2.64 6.56
CA VAL A 160 -14.84 2.37 5.17
C VAL A 160 -14.06 1.20 4.53
N ARG A 161 -12.75 1.15 4.79
CA ARG A 161 -11.85 0.09 4.31
C ARG A 161 -12.29 -1.26 4.85
N LYS A 162 -12.74 -1.26 6.11
CA LYS A 162 -13.22 -2.48 6.74
C LYS A 162 -14.70 -2.68 6.52
N GLY A 163 -15.31 -2.02 5.54
CA GLY A 163 -16.70 -2.25 5.22
C GLY A 163 -17.75 -1.50 6.04
N GLY A 164 -17.32 -0.58 6.93
CA GLY A 164 -18.25 0.28 7.70
C GLY A 164 -18.70 1.44 6.84
N GLU A 165 -19.60 2.26 7.37
CA GLU A 165 -20.12 3.41 6.67
C GLU A 165 -19.89 4.66 7.57
N VAL A 166 -19.67 5.80 6.95
CA VAL A 166 -19.40 7.04 7.67
C VAL A 166 -20.25 8.06 6.98
N LEU A 167 -21.05 8.77 7.78
CA LEU A 167 -21.90 9.84 7.24
C LEU A 167 -21.50 11.11 7.94
N THR A 168 -21.30 12.21 7.23
CA THR A 168 -21.02 13.50 7.90
C THR A 168 -22.16 14.44 7.57
N ARG A 169 -22.18 15.64 8.14
CA ARG A 169 -23.33 16.54 8.02
C ARG A 169 -24.68 15.84 8.38
N THR A 170 -24.59 14.83 9.24
CA THR A 170 -25.69 14.00 9.72
C THR A 170 -25.71 13.92 11.24
N ARG A 171 -26.63 14.67 11.83
CA ARG A 171 -26.77 14.82 13.24
C ARG A 171 -27.83 13.84 13.77
N ALA A 172 -27.42 12.97 14.68
CA ALA A 172 -28.32 12.07 15.40
C ALA A 172 -29.15 12.95 16.30
N THR A 173 -30.45 12.75 16.21
CA THR A 173 -31.41 13.59 16.93
C THR A 173 -32.05 12.79 18.08
N SER A 174 -32.16 11.48 17.92
CA SER A 174 -32.54 10.63 19.06
C SER A 174 -32.11 9.17 18.94
N ALA A 175 -32.07 8.51 20.11
CA ALA A 175 -31.80 7.08 20.18
C ALA A 175 -32.66 6.56 21.36
N ARG A 176 -33.37 5.46 21.10
CA ARG A 176 -34.26 4.86 22.13
C ARG A 176 -34.23 3.34 22.00
N ARG A 177 -34.39 2.65 23.11
CA ARG A 177 -34.45 1.20 23.02
C ARG A 177 -35.87 0.77 22.70
N GLU A 178 -36.01 -0.15 21.74
CA GLU A 178 -37.30 -0.73 21.39
C GLU A 178 -37.16 -2.18 20.97
N ASN A 179 -37.85 -3.06 21.72
CA ASN A 179 -37.92 -4.47 21.42
C ASN A 179 -36.54 -5.07 21.29
N GLY A 180 -35.61 -4.77 22.19
CA GLY A 180 -34.25 -5.34 22.12
C GLY A 180 -33.21 -4.59 21.25
N LEU A 181 -33.69 -3.68 20.41
CA LEU A 181 -32.85 -2.93 19.46
C LEU A 181 -32.86 -1.43 19.76
N TRP A 182 -31.76 -0.75 19.39
CA TRP A 182 -31.78 0.71 19.28
C TRP A 182 -32.45 1.13 18.01
N ILE A 183 -33.26 2.16 18.09
CA ILE A 183 -33.71 2.94 16.97
C ILE A 183 -32.96 4.31 16.99
N VAL A 184 -32.22 4.60 15.93
CA VAL A 184 -31.44 5.86 15.88
C VAL A 184 -32.02 6.71 14.81
N GLU A 185 -32.48 7.87 15.20
CA GLU A 185 -32.90 8.84 14.23
C GLU A 185 -31.84 9.94 14.02
N ALA A 186 -31.72 10.40 12.79
CA ALA A 186 -30.69 11.37 12.38
C ALA A 186 -31.22 12.20 11.23
N GLU A 187 -30.66 13.38 11.08
CA GLU A 187 -31.09 14.27 10.05
C GLU A 187 -29.87 14.95 9.38
N ASP A 188 -29.94 15.08 8.05
CA ASP A 188 -28.90 15.71 7.27
C ASP A 188 -29.04 17.20 7.50
N ILE A 189 -27.94 17.84 7.96
CA ILE A 189 -28.05 19.22 8.45
C ILE A 189 -28.32 20.26 7.36
N ASP A 190 -28.17 19.85 6.09
CA ASP A 190 -28.35 20.79 4.98
C ASP A 190 -29.75 20.59 4.35
N THR A 191 -30.01 19.35 3.93
CA THR A 191 -31.23 19.05 3.18
C THR A 191 -32.48 18.72 4.04
N GLY A 192 -32.30 18.44 5.31
CA GLY A 192 -33.38 18.00 6.18
C GLY A 192 -33.73 16.53 6.01
N LYS A 193 -33.03 15.81 5.14
CA LYS A 193 -33.35 14.41 4.94
C LYS A 193 -33.31 13.65 6.28
N LYS A 194 -34.40 12.93 6.57
CA LYS A 194 -34.51 12.14 7.79
C LYS A 194 -34.03 10.74 7.57
N TYR A 195 -33.47 10.13 8.61
CA TYR A 195 -33.02 8.75 8.55
C TYR A 195 -33.38 8.04 9.84
N SER A 196 -33.57 6.73 9.73
CA SER A 196 -33.84 5.94 10.91
C SER A 196 -33.13 4.62 10.71
N TRP A 197 -32.40 4.15 11.71
CA TRP A 197 -31.72 2.86 11.62
C TRP A 197 -32.03 2.06 12.87
N GLN A 198 -31.81 0.75 12.76
CA GLN A 198 -31.85 -0.09 13.93
C GLN A 198 -30.45 -0.53 14.23
N ALA A 199 -30.09 -0.68 15.49
CA ALA A 199 -28.79 -1.20 15.81
C ALA A 199 -28.80 -2.10 17.05
N ARG A 200 -27.88 -3.05 17.08
CA ARG A 200 -27.69 -3.91 18.25
C ARG A 200 -26.94 -3.23 19.40
N GLY A 201 -26.15 -2.22 19.06
CA GLY A 201 -25.30 -1.53 20.04
C GLY A 201 -25.22 -0.05 19.64
N LEU A 202 -24.99 0.81 20.64
CA LEU A 202 -24.88 2.25 20.50
C LEU A 202 -23.65 2.78 21.24
N VAL A 203 -22.83 3.62 20.57
CA VAL A 203 -21.72 4.37 21.22
C VAL A 203 -22.07 5.88 21.24
N ASN A 204 -22.11 6.43 22.43
CA ASN A 204 -22.12 7.90 22.59
C ASN A 204 -20.66 8.42 22.80
N ALA A 205 -20.08 8.83 21.65
CA ALA A 205 -18.74 9.40 21.60
C ALA A 205 -18.78 10.90 21.10
N THR A 206 -19.74 11.64 21.63
CA THR A 206 -19.99 13.02 21.21
C THR A 206 -19.17 14.07 21.99
N GLY A 207 -18.14 13.63 22.67
CA GLY A 207 -17.15 14.51 23.35
C GLY A 207 -17.76 15.56 24.28
N PRO A 208 -17.61 16.89 23.95
CA PRO A 208 -18.29 17.92 24.80
C PRO A 208 -19.83 17.81 24.88
N TRP A 209 -20.45 17.15 23.89
CA TRP A 209 -21.89 16.95 23.89
C TRP A 209 -22.36 15.66 24.61
N VAL A 210 -21.45 14.85 25.19
CA VAL A 210 -21.83 13.52 25.77
C VAL A 210 -23.03 13.56 26.75
N LYS A 211 -23.09 14.53 27.64
CA LYS A 211 -24.17 14.58 28.62
C LYS A 211 -25.41 15.19 27.96
N GLN A 212 -25.21 16.26 27.21
CA GLN A 212 -26.32 16.76 26.41
C GLN A 212 -26.98 15.70 25.50
N PHE A 213 -26.22 14.81 24.86
CA PHE A 213 -26.91 13.75 24.13
C PHE A 213 -27.74 12.81 25.05
N PHE A 214 -27.25 12.47 26.25
CA PHE A 214 -28.07 11.73 27.23
C PHE A 214 -29.32 12.53 27.53
N ASP A 215 -29.18 13.82 27.80
CA ASP A 215 -30.35 14.67 28.17
C ASP A 215 -31.36 14.83 27.04
N ASP A 216 -30.94 15.25 25.86
CA ASP A 216 -31.87 15.64 24.78
C ASP A 216 -32.08 14.54 23.72
N GLY A 217 -31.05 13.75 23.46
CA GLY A 217 -31.17 12.69 22.47
C GLY A 217 -31.81 11.40 23.02
N MET A 218 -31.53 11.04 24.27
CA MET A 218 -31.93 9.71 24.78
C MET A 218 -32.90 9.75 25.96
N HIS A 219 -33.03 10.92 26.59
CA HIS A 219 -33.78 11.11 27.83
C HIS A 219 -33.38 10.04 28.86
N LEU A 220 -32.07 9.75 28.96
CA LEU A 220 -31.52 8.80 29.92
C LEU A 220 -30.64 9.59 30.87
N PRO A 221 -30.45 9.11 32.13
CA PRO A 221 -29.49 9.83 32.98
C PRO A 221 -28.02 9.53 32.59
N SER A 222 -27.17 10.57 32.52
CA SER A 222 -25.74 10.40 32.23
C SER A 222 -25.02 9.80 33.46
N PRO A 223 -24.18 8.77 33.26
CA PRO A 223 -23.43 8.27 34.46
C PRO A 223 -22.44 9.29 35.05
N TYR A 224 -21.98 10.26 34.26
CA TYR A 224 -20.94 11.18 34.75
C TYR A 224 -21.24 12.56 34.31
N GLY A 225 -20.73 13.51 35.09
CA GLY A 225 -20.79 14.89 34.71
C GLY A 225 -19.64 15.14 33.75
N ILE A 226 -19.76 16.25 33.04
CA ILE A 226 -18.66 16.73 32.24
C ILE A 226 -18.20 18.15 32.66
N ARG A 227 -16.90 18.35 32.78
CA ARG A 227 -16.43 19.71 32.91
C ARG A 227 -15.88 20.16 31.59
N LEU A 228 -16.40 21.28 31.09
CA LEU A 228 -15.92 21.85 29.82
C LEU A 228 -14.82 22.84 30.11
N ILE A 229 -13.60 22.55 29.70
CA ILE A 229 -12.50 23.41 30.08
C ILE A 229 -11.88 23.91 28.80
N LYS A 230 -12.10 25.21 28.49
CA LYS A 230 -11.61 25.84 27.28
C LYS A 230 -10.10 25.94 27.34
N GLY A 231 -9.47 25.66 26.22
CA GLY A 231 -8.09 26.04 26.01
C GLY A 231 -7.91 26.59 24.63
N SER A 232 -7.11 27.63 24.52
CA SER A 232 -6.86 28.34 23.27
C SER A 232 -5.40 28.28 22.87
N HIS A 233 -5.10 28.59 21.60
CA HIS A 233 -3.73 28.62 21.11
C HIS A 233 -3.59 29.85 20.26
N ILE A 234 -2.40 30.48 20.24
CA ILE A 234 -2.11 31.53 19.26
C ILE A 234 -1.05 31.08 18.28
N VAL A 235 -1.06 31.65 17.07
CA VAL A 235 -0.05 31.23 16.09
C VAL A 235 0.68 32.48 15.63
N VAL A 236 2.03 32.40 15.63
CA VAL A 236 2.86 33.53 15.16
C VAL A 236 3.86 33.05 14.08
N PRO A 237 4.39 33.98 13.29
CA PRO A 237 5.59 33.60 12.49
C PRO A 237 6.58 32.95 13.44
N ARG A 238 7.38 32.02 12.96
CA ARG A 238 8.15 31.24 13.90
C ARG A 238 9.11 32.11 14.72
N VAL A 239 9.13 31.84 16.02
CA VAL A 239 9.84 32.70 16.98
C VAL A 239 11.36 32.49 16.92
N HIS A 240 11.77 31.36 16.35
CA HIS A 240 13.17 31.05 16.15
C HIS A 240 13.24 29.93 15.11
N THR A 241 14.49 29.58 14.72
CA THR A 241 14.79 28.61 13.70
C THR A 241 15.05 27.17 14.26
N GLN A 242 15.01 27.03 15.58
CA GLN A 242 15.27 25.75 16.18
C GLN A 242 14.17 24.70 15.87
N LYS A 243 14.56 23.44 15.78
CA LYS A 243 13.61 22.41 15.56
C LYS A 243 12.89 21.95 16.83
N GLN A 244 13.36 22.38 18.00
CA GLN A 244 12.74 21.88 19.25
C GLN A 244 11.59 22.72 19.79
N ALA A 245 10.69 22.00 20.46
CA ALA A 245 9.57 22.59 21.24
C ALA A 245 10.14 23.01 22.58
N TYR A 246 9.65 24.14 23.13
CA TYR A 246 9.94 24.60 24.50
C TYR A 246 8.69 24.33 25.33
N ILE A 247 8.88 23.87 26.57
CA ILE A 247 7.79 23.70 27.56
C ILE A 247 8.07 24.53 28.76
N LEU A 248 7.25 25.56 28.96
CA LEU A 248 7.51 26.66 29.89
C LEU A 248 6.66 26.56 31.17
N GLN A 249 7.35 26.67 32.31
CA GLN A 249 6.73 26.64 33.67
C GLN A 249 6.28 28.04 34.00
N ASN A 250 4.97 28.25 34.07
CA ASN A 250 4.37 29.55 34.40
C ASN A 250 4.20 29.67 35.97
N GLU A 251 4.04 30.88 36.45
CA GLU A 251 3.93 31.14 37.88
C GLU A 251 2.70 30.50 38.57
N ASP A 252 1.72 30.02 37.80
CA ASP A 252 0.53 29.41 38.37
C ASP A 252 0.67 27.91 38.41
N LYS A 253 1.86 27.36 38.11
CA LYS A 253 2.08 25.90 38.06
C LYS A 253 1.61 25.16 36.80
N ARG A 254 1.07 25.90 35.85
CA ARG A 254 0.76 25.31 34.53
C ARG A 254 2.02 25.37 33.65
N ILE A 255 2.01 24.60 32.57
CA ILE A 255 3.06 24.63 31.60
C ILE A 255 2.44 25.12 30.28
N VAL A 256 3.23 25.82 29.49
CA VAL A 256 2.76 26.38 28.25
C VAL A 256 3.82 25.93 27.19
N PHE A 257 3.34 25.42 26.05
CA PHE A 257 4.21 24.99 24.96
C PHE A 257 4.46 26.07 23.93
N VAL A 258 5.62 25.99 23.30
CA VAL A 258 6.01 26.81 22.14
C VAL A 258 6.50 25.77 21.10
N ILE A 259 5.67 25.49 20.08
CA ILE A 259 5.82 24.34 19.18
C ILE A 259 6.05 24.86 17.75
N PRO A 260 7.16 24.40 17.09
CA PRO A 260 7.44 24.64 15.65
C PRO A 260 6.30 24.08 14.81
N TRP A 261 5.79 24.81 13.84
CA TRP A 261 4.65 24.34 13.11
C TRP A 261 4.83 24.65 11.62
N MET A 262 4.81 23.58 10.83
CA MET A 262 4.91 23.74 9.41
C MET A 262 6.13 24.57 8.92
N ASP A 263 7.28 24.44 9.59
CA ASP A 263 8.52 25.16 9.12
C ASP A 263 8.45 26.64 9.12
N GLU A 264 7.29 27.22 9.34
CA GLU A 264 7.15 28.67 9.15
C GLU A 264 6.54 29.41 10.37
N PHE A 265 5.90 28.63 11.27
CA PHE A 265 5.09 29.20 12.35
C PHE A 265 5.51 28.64 13.72
N SER A 266 5.03 29.28 14.78
CA SER A 266 5.12 28.64 16.08
C SER A 266 3.71 28.66 16.65
N ILE A 267 3.30 27.56 17.28
CA ILE A 267 2.06 27.57 18.06
C ILE A 267 2.42 27.76 19.58
N ILE A 268 1.77 28.73 20.21
CA ILE A 268 1.81 28.91 21.63
C ILE A 268 0.51 28.56 22.29
N GLY A 269 0.51 27.60 23.20
CA GLY A 269 -0.69 27.30 23.98
C GLY A 269 -0.25 26.39 25.15
N THR A 270 -1.15 26.12 26.12
CA THR A 270 -2.55 26.49 26.03
C THR A 270 -3.04 26.98 27.43
N THR A 271 -4.36 27.07 27.61
CA THR A 271 -5.01 27.74 28.79
C THR A 271 -6.01 26.73 29.37
N ASP A 272 -6.57 27.01 30.54
CA ASP A 272 -7.49 26.11 31.27
C ASP A 272 -8.57 27.04 31.80
N VAL A 273 -9.60 27.32 31.01
CA VAL A 273 -10.64 28.28 31.37
C VAL A 273 -12.01 27.53 31.50
N GLU A 274 -12.59 27.51 32.69
CA GLU A 274 -13.92 26.88 32.87
C GLU A 274 -14.92 27.47 31.87
N TYR A 275 -15.68 26.64 31.16
CA TYR A 275 -16.54 27.13 30.09
C TYR A 275 -17.98 26.60 30.24
N LYS A 276 -18.93 27.45 29.93
CA LYS A 276 -20.35 27.12 29.97
C LYS A 276 -20.94 27.52 28.64
N GLY A 277 -21.76 26.68 28.05
CA GLY A 277 -22.42 27.17 26.84
C GLY A 277 -22.15 26.28 25.67
N ASP A 278 -22.31 26.82 24.47
CA ASP A 278 -22.23 26.01 23.24
C ASP A 278 -20.78 25.74 22.86
N PRO A 279 -20.36 24.46 22.83
CA PRO A 279 -18.99 24.14 22.46
C PRO A 279 -18.54 24.60 21.05
N LYS A 280 -19.51 24.92 20.20
CA LYS A 280 -19.25 25.37 18.85
C LYS A 280 -18.95 26.90 18.76
N ALA A 281 -19.48 27.66 19.70
CA ALA A 281 -19.20 29.10 20.00
C ALA A 281 -17.80 29.45 20.61
N VAL A 282 -16.97 28.45 20.92
CA VAL A 282 -15.78 28.70 21.74
C VAL A 282 -14.72 29.47 20.94
N LYS A 283 -14.17 30.52 21.52
CA LYS A 283 -13.13 31.32 20.89
C LYS A 283 -12.27 32.03 21.95
N ILE A 284 -11.07 32.42 21.55
CA ILE A 284 -10.00 32.85 22.47
C ILE A 284 -10.49 34.19 23.06
N GLU A 285 -10.17 34.49 24.31
CA GLU A 285 -10.54 35.80 24.84
C GLU A 285 -9.25 36.61 25.08
N GLU A 286 -9.40 37.91 25.34
CA GLU A 286 -8.30 38.84 25.55
C GLU A 286 -7.30 38.31 26.58
N SER A 287 -7.79 37.82 27.72
CA SER A 287 -6.87 37.45 28.82
C SER A 287 -6.05 36.17 28.53
N GLU A 288 -6.58 35.30 27.67
CA GLU A 288 -5.85 34.15 27.17
C GLU A 288 -4.65 34.57 26.32
N ILE A 289 -4.90 35.54 25.47
CA ILE A 289 -3.86 36.16 24.65
C ILE A 289 -2.80 36.76 25.54
N ASN A 290 -3.20 37.62 26.48
CA ASN A 290 -2.28 38.29 27.42
C ASN A 290 -1.50 37.23 28.23
N TYR A 291 -2.18 36.17 28.63
CA TYR A 291 -1.57 35.12 29.43
C TYR A 291 -0.50 34.35 28.63
N LEU A 292 -0.86 33.95 27.40
CA LEU A 292 0.09 33.22 26.52
C LEU A 292 1.31 34.06 26.14
N LEU A 293 1.07 35.30 25.72
CA LEU A 293 2.15 36.24 25.40
C LEU A 293 3.00 36.53 26.62
N ASN A 294 2.38 36.64 27.79
CA ASN A 294 3.20 36.77 29.03
C ASN A 294 4.20 35.66 29.28
N VAL A 295 3.80 34.39 29.30
CA VAL A 295 4.78 33.37 29.64
C VAL A 295 5.88 33.17 28.55
N TYR A 296 5.49 33.37 27.27
CA TYR A 296 6.45 33.44 26.19
C TYR A 296 7.43 34.61 26.45
N ASN A 297 6.92 35.82 26.65
CA ASN A 297 7.75 37.01 26.64
C ASN A 297 8.65 37.10 27.86
N THR A 298 8.33 36.35 28.92
CA THR A 298 9.15 36.35 30.13
C THR A 298 10.23 35.29 30.03
N HIS A 299 10.10 34.35 29.11
CA HIS A 299 11.13 33.40 28.86
C HIS A 299 12.09 33.72 27.70
N PHE A 300 11.59 34.28 26.58
CA PHE A 300 12.38 34.43 25.32
C PHE A 300 12.87 35.87 25.13
N LYS A 301 14.04 36.07 24.52
CA LYS A 301 14.55 37.44 24.20
C LYS A 301 13.78 38.17 23.16
N LYS A 302 13.41 37.45 22.08
CA LYS A 302 12.63 38.06 20.98
C LYS A 302 11.16 38.12 21.43
N GLN A 303 10.73 39.35 21.64
CA GLN A 303 9.48 39.70 22.24
C GLN A 303 8.38 39.68 21.16
N LEU A 304 7.22 39.15 21.55
CA LEU A 304 6.06 39.13 20.65
C LEU A 304 5.04 40.15 21.11
N SER A 305 4.38 40.80 20.16
CA SER A 305 3.20 41.52 20.58
C SER A 305 1.96 40.84 19.98
N ARG A 306 0.81 41.31 20.39
CA ARG A 306 -0.48 41.03 19.80
C ARG A 306 -0.58 41.13 18.25
N ASP A 307 0.05 42.15 17.67
CA ASP A 307 0.06 42.33 16.22
C ASP A 307 0.81 41.25 15.46
N ASP A 308 1.70 40.49 16.11
CA ASP A 308 2.40 39.33 15.52
C ASP A 308 1.51 38.10 15.29
N ILE A 309 0.39 38.06 15.95
CA ILE A 309 -0.45 36.88 15.93
C ILE A 309 -1.12 36.72 14.55
N VAL A 310 -0.99 35.56 13.94
CA VAL A 310 -1.53 35.40 12.54
C VAL A 310 -2.83 34.57 12.51
N TRP A 311 -3.07 33.80 13.57
CA TRP A 311 -4.23 32.92 13.64
C TRP A 311 -4.37 32.49 15.11
N THR A 312 -5.59 32.14 15.55
CA THR A 312 -5.80 31.57 16.90
C THR A 312 -6.76 30.42 16.71
N TYR A 313 -6.79 29.48 17.64
CA TYR A 313 -7.90 28.54 17.68
C TYR A 313 -8.21 28.24 19.11
N SER A 314 -9.35 27.58 19.34
CA SER A 314 -9.84 27.33 20.65
C SER A 314 -10.74 26.13 20.61
N GLY A 315 -10.82 25.44 21.75
CA GLY A 315 -11.61 24.25 21.87
C GLY A 315 -11.98 24.00 23.31
N VAL A 316 -12.89 23.08 23.57
CA VAL A 316 -13.20 22.72 24.96
C VAL A 316 -12.89 21.27 25.30
N ARG A 317 -12.10 21.07 26.35
CA ARG A 317 -11.83 19.67 26.78
C ARG A 317 -13.07 19.10 27.42
N PRO A 318 -13.55 17.93 26.94
CA PRO A 318 -14.66 17.39 27.71
C PRO A 318 -14.07 16.44 28.80
N LEU A 319 -13.81 16.95 30.00
CA LEU A 319 -13.14 16.20 31.06
C LEU A 319 -14.17 15.55 31.93
N CYS A 320 -13.99 14.25 32.19
CA CYS A 320 -14.77 13.58 33.23
C CYS A 320 -14.67 14.43 34.52
N ASP A 321 -15.83 14.87 34.99
CA ASP A 321 -15.90 15.74 36.18
C ASP A 321 -15.47 15.02 37.49
N ASP A 322 -14.19 15.04 37.81
CA ASP A 322 -13.72 14.50 39.12
C ASP A 322 -13.98 15.51 40.28
N GLU A 323 -14.68 16.60 39.97
CA GLU A 323 -15.10 17.62 40.95
C GLU A 323 -13.99 18.52 41.48
N SER A 324 -12.81 18.49 40.85
CA SER A 324 -11.70 19.35 41.33
C SER A 324 -12.04 20.83 41.22
N ASP A 325 -11.68 21.58 42.27
CA ASP A 325 -11.75 23.05 42.29
C ASP A 325 -10.95 23.77 41.15
N SER A 326 -9.78 23.24 40.77
CA SER A 326 -8.89 23.89 39.79
C SER A 326 -8.95 23.16 38.44
N PRO A 327 -9.30 23.89 37.35
CA PRO A 327 -9.41 23.28 36.00
C PRO A 327 -8.14 22.55 35.57
N GLN A 328 -6.96 23.10 35.85
CA GLN A 328 -5.66 22.41 35.55
C GLN A 328 -5.47 21.09 36.31
N ALA A 329 -6.13 20.95 37.48
CA ALA A 329 -6.03 19.71 38.29
C ALA A 329 -7.00 18.58 37.93
N ILE A 330 -7.97 18.83 37.06
CA ILE A 330 -9.00 17.84 36.73
C ILE A 330 -8.24 16.73 35.97
N THR A 331 -8.54 15.46 36.29
CA THR A 331 -7.91 14.36 35.55
C THR A 331 -8.20 14.45 34.01
N ARG A 332 -7.19 14.05 33.22
CA ARG A 332 -7.24 13.92 31.76
C ARG A 332 -7.33 12.47 31.35
N ASP A 333 -7.50 11.58 32.33
CA ASP A 333 -7.84 10.17 32.02
C ASP A 333 -9.30 10.11 31.59
N TYR A 334 -9.62 9.13 30.74
CA TYR A 334 -10.98 8.87 30.34
C TYR A 334 -11.77 7.84 31.21
N THR A 335 -13.10 7.95 31.16
CA THR A 335 -13.91 6.90 31.79
C THR A 335 -14.87 6.40 30.72
N LEU A 336 -15.00 5.06 30.58
CA LEU A 336 -16.08 4.50 29.72
C LEU A 336 -17.15 3.88 30.58
N ASP A 337 -18.38 4.07 30.19
CA ASP A 337 -19.48 3.46 30.86
C ASP A 337 -20.27 2.53 29.90
N ILE A 338 -20.53 1.27 30.29
CA ILE A 338 -21.46 0.47 29.49
C ILE A 338 -22.74 0.05 30.26
N HIS A 339 -23.89 0.12 29.61
CA HIS A 339 -25.16 -0.23 30.23
C HIS A 339 -26.07 -0.90 29.21
N ASP A 340 -26.61 -2.07 29.61
CA ASP A 340 -27.66 -2.72 28.80
C ASP A 340 -29.02 -2.68 29.54
N GLU A 341 -30.05 -3.17 28.85
CA GLU A 341 -31.34 -3.40 29.43
C GLU A 341 -31.84 -4.79 29.04
N ASN A 342 -31.95 -5.68 30.03
CA ASN A 342 -32.41 -7.08 29.81
C ASN A 342 -31.39 -7.85 28.94
N GLY A 343 -30.10 -7.55 29.20
CA GLY A 343 -28.93 -8.13 28.46
C GLY A 343 -28.80 -7.81 26.96
N LYS A 344 -29.61 -6.85 26.46
CA LYS A 344 -29.58 -6.41 25.07
C LYS A 344 -29.39 -4.87 24.91
N ALA A 345 -29.13 -4.44 23.66
CA ALA A 345 -28.98 -3.02 23.30
C ALA A 345 -28.05 -2.29 24.28
N PRO A 346 -26.76 -2.66 24.27
CA PRO A 346 -25.80 -1.99 25.20
C PRO A 346 -25.63 -0.53 24.75
N LEU A 347 -25.30 0.33 25.70
CA LEU A 347 -24.91 1.75 25.51
C LEU A 347 -23.52 1.97 26.05
N LEU A 348 -22.57 2.18 25.13
CA LEU A 348 -21.24 2.54 25.53
C LEU A 348 -21.09 4.08 25.45
N SER A 349 -20.65 4.70 26.54
CA SER A 349 -20.54 6.16 26.55
C SER A 349 -19.13 6.53 26.97
N VAL A 350 -18.60 7.62 26.42
CA VAL A 350 -17.21 7.97 26.57
C VAL A 350 -17.06 9.32 27.22
N PHE A 351 -16.32 9.37 28.32
CA PHE A 351 -16.09 10.62 29.03
C PHE A 351 -14.61 10.93 29.00
N GLY A 352 -14.24 12.02 28.33
CA GLY A 352 -12.83 12.43 28.41
C GLY A 352 -12.08 11.60 27.36
N GLY A 353 -10.76 11.63 27.38
CA GLY A 353 -9.98 10.79 26.44
C GLY A 353 -9.15 11.60 25.46
N LYS A 354 -7.89 11.83 25.80
CA LYS A 354 -7.01 12.65 24.96
C LYS A 354 -6.67 11.92 23.66
N LEU A 355 -6.28 12.68 22.63
CA LEU A 355 -5.93 12.08 21.35
C LEU A 355 -4.88 10.96 21.60
N THR A 356 -3.92 11.19 22.48
CA THR A 356 -2.82 10.27 22.78
C THR A 356 -3.28 8.80 23.06
N THR A 357 -4.45 8.66 23.70
CA THR A 357 -4.94 7.41 24.25
C THR A 357 -6.13 6.88 23.51
N TYR A 358 -6.49 7.44 22.33
CA TYR A 358 -7.72 7.02 21.65
C TYR A 358 -7.70 5.53 21.28
N ARG A 359 -6.55 5.01 20.93
CA ARG A 359 -6.50 3.63 20.38
C ARG A 359 -6.77 2.59 21.48
N LYS A 360 -6.26 2.89 22.65
CA LYS A 360 -6.42 2.08 23.86
C LYS A 360 -7.82 2.22 24.34
N LEU A 361 -8.27 3.48 24.41
CA LEU A 361 -9.68 3.74 24.68
C LEU A 361 -10.55 2.87 23.82
N ALA A 362 -10.28 2.89 22.50
CA ALA A 362 -11.16 2.20 21.57
C ALA A 362 -11.17 0.70 21.85
N GLU A 363 -10.03 0.21 22.32
CA GLU A 363 -9.88 -1.25 22.49
C GLU A 363 -10.58 -1.65 23.79
N HIS A 364 -10.42 -0.82 24.84
CA HIS A 364 -11.23 -0.95 26.05
C HIS A 364 -12.71 -1.01 25.73
N ALA A 365 -13.17 -0.15 24.82
CA ALA A 365 -14.59 -0.06 24.49
C ALA A 365 -15.12 -1.32 23.82
N LEU A 366 -14.34 -1.87 22.87
CA LEU A 366 -14.78 -3.06 22.21
C LEU A 366 -14.83 -4.28 23.14
N GLU A 367 -13.81 -4.39 24.00
CA GLU A 367 -13.76 -5.32 25.13
C GLU A 367 -15.11 -5.35 25.90
N LYS A 368 -15.59 -4.18 26.36
CA LYS A 368 -16.88 -4.03 27.04
C LYS A 368 -18.06 -4.39 26.15
N LEU A 369 -17.99 -4.15 24.83
CA LEU A 369 -19.08 -4.55 23.93
C LEU A 369 -19.04 -6.01 23.52
N THR A 370 -17.92 -6.68 23.78
CA THR A 370 -17.68 -8.06 23.29
C THR A 370 -18.78 -9.07 23.68
N PRO A 371 -19.14 -9.16 24.98
CA PRO A 371 -20.23 -10.12 25.30
C PRO A 371 -21.48 -10.06 24.40
N TYR A 372 -21.73 -8.90 23.76
CA TYR A 372 -23.00 -8.68 23.02
C TYR A 372 -22.89 -9.11 21.59
N TYR A 373 -21.67 -9.50 21.20
CA TYR A 373 -21.44 -9.82 19.78
C TYR A 373 -20.80 -11.20 19.57
N GLN A 374 -21.67 -12.17 19.28
CA GLN A 374 -21.35 -13.39 18.50
C GLN A 374 -19.92 -13.86 18.38
N GLY A 375 -19.52 -14.09 17.15
CA GLY A 375 -18.16 -14.50 16.86
C GLY A 375 -17.45 -13.25 16.36
N ILE A 376 -17.35 -12.27 17.28
CA ILE A 376 -16.71 -10.97 17.06
C ILE A 376 -15.23 -11.24 17.08
N GLY A 377 -14.53 -10.64 16.12
CA GLY A 377 -13.09 -10.78 16.05
C GLY A 377 -12.34 -10.28 17.27
N PRO A 378 -11.07 -10.67 17.39
CA PRO A 378 -10.28 -10.23 18.51
C PRO A 378 -9.71 -8.81 18.24
N ALA A 379 -9.02 -8.29 19.23
CA ALA A 379 -8.32 -7.03 19.15
C ALA A 379 -7.28 -7.12 17.98
N TRP A 380 -6.92 -5.98 17.37
CA TRP A 380 -6.09 -5.99 16.16
C TRP A 380 -5.35 -4.71 15.83
N THR A 381 -5.63 -3.58 16.51
CA THR A 381 -5.12 -2.26 15.98
C THR A 381 -3.69 -1.93 16.32
N LYS A 382 -3.15 -2.49 17.40
CA LYS A 382 -1.74 -2.27 17.75
C LYS A 382 -0.82 -2.58 16.55
N GLU A 383 -1.20 -3.54 15.71
CA GLU A 383 -0.37 -3.97 14.59
C GLU A 383 -0.76 -3.43 13.22
N SER A 384 -1.85 -2.66 13.18
CA SER A 384 -2.34 -2.09 11.93
C SER A 384 -1.51 -0.90 11.51
N VAL A 385 -1.76 -0.43 10.31
CA VAL A 385 -1.08 0.73 9.73
C VAL A 385 -2.26 1.44 9.11
N LEU A 386 -2.50 2.67 9.59
CA LEU A 386 -3.68 3.44 9.20
C LEU A 386 -3.58 3.82 7.71
N PRO A 387 -4.71 4.01 7.01
CA PRO A 387 -4.66 4.57 5.65
C PRO A 387 -3.73 5.78 5.54
N GLY A 388 -2.77 5.74 4.63
CA GLY A 388 -1.76 6.80 4.37
C GLY A 388 -0.44 6.45 4.96
N GLY A 389 -0.46 5.50 5.90
CA GLY A 389 0.64 5.25 6.77
C GLY A 389 1.65 4.30 6.10
N ALA A 390 1.32 3.75 4.95
CA ALA A 390 2.20 2.71 4.37
C ALA A 390 3.39 3.29 3.58
N ILE A 391 4.32 3.93 4.26
CA ILE A 391 5.29 4.74 3.55
C ILE A 391 6.70 4.14 3.50
N GLU A 392 6.99 3.11 4.31
CA GLU A 392 8.29 2.38 4.25
C GLU A 392 9.53 3.23 4.53
N GLY A 393 9.63 3.82 5.72
CA GLY A 393 10.63 4.84 5.95
C GLY A 393 9.99 5.98 6.71
N ASP A 394 10.66 7.13 6.71
CA ASP A 394 10.06 8.31 7.32
C ASP A 394 9.43 9.19 6.24
N ARG A 395 8.70 10.22 6.70
CA ARG A 395 8.09 11.25 5.88
C ARG A 395 9.02 11.82 4.80
N ASP A 396 10.27 12.09 5.18
CA ASP A 396 11.17 12.80 4.31
C ASP A 396 11.77 11.94 3.20
N ASP A 397 12.11 10.69 3.55
CA ASP A 397 12.43 9.64 2.57
C ASP A 397 11.26 9.45 1.61
N TYR A 398 10.03 9.44 2.14
CA TYR A 398 8.89 9.20 1.27
C TYR A 398 8.71 10.33 0.26
N ALA A 399 8.91 11.58 0.70
CA ALA A 399 8.78 12.75 -0.18
C ALA A 399 9.84 12.72 -1.30
N ALA A 400 11.06 12.32 -0.93
CA ALA A 400 12.12 12.16 -1.94
C ALA A 400 11.71 11.05 -2.94
N ARG A 401 11.26 9.89 -2.42
CA ARG A 401 10.67 8.83 -3.26
C ARG A 401 9.49 9.28 -4.20
N LEU A 402 8.63 10.20 -3.74
CA LEU A 402 7.53 10.71 -4.59
C LEU A 402 8.04 11.56 -5.70
N ARG A 403 9.00 12.41 -5.40
CA ARG A 403 9.55 13.27 -6.40
C ARG A 403 10.36 12.43 -7.43
N ARG A 404 11.05 11.39 -6.99
CA ARG A 404 11.69 10.47 -7.96
C ARG A 404 10.64 9.88 -8.89
N ARG A 405 9.54 9.40 -8.33
CA ARG A 405 8.45 8.81 -9.09
C ARG A 405 7.67 9.82 -9.90
N TYR A 406 7.38 11.02 -9.36
CA TYR A 406 6.59 12.02 -10.07
C TYR A 406 7.44 13.28 -10.19
N PRO A 407 8.34 13.36 -11.20
CA PRO A 407 9.37 14.41 -11.13
C PRO A 407 8.85 15.83 -11.49
N PHE A 408 7.64 15.95 -12.00
CA PHE A 408 7.02 17.31 -12.14
C PHE A 408 6.70 18.00 -10.77
N LEU A 409 6.76 17.25 -9.67
CA LEU A 409 6.47 17.81 -8.34
C LEU A 409 7.64 18.65 -7.82
N THR A 410 7.39 19.93 -7.50
CA THR A 410 8.37 20.69 -6.71
C THR A 410 8.66 19.98 -5.39
N GLU A 411 9.76 20.33 -4.75
CA GLU A 411 10.11 19.74 -3.49
C GLU A 411 9.11 20.16 -2.39
N SER A 412 8.52 21.35 -2.50
CA SER A 412 7.55 21.80 -1.50
C SER A 412 6.24 20.97 -1.64
N LEU A 413 5.77 20.74 -2.87
CA LEU A 413 4.55 20.00 -3.08
C LEU A 413 4.77 18.56 -2.73
N ALA A 414 5.95 18.03 -3.08
CA ALA A 414 6.16 16.63 -2.71
C ALA A 414 6.11 16.49 -1.17
N ARG A 415 6.79 17.38 -0.47
CA ARG A 415 6.78 17.40 0.98
C ARG A 415 5.35 17.47 1.54
N HIS A 416 4.52 18.36 0.97
CA HIS A 416 3.13 18.53 1.40
C HIS A 416 2.34 17.25 1.20
N TYR A 417 2.46 16.63 0.03
CA TYR A 417 1.73 15.36 -0.23
C TYR A 417 2.19 14.26 0.70
N ALA A 418 3.50 14.15 0.93
CA ALA A 418 4.00 13.07 1.78
C ALA A 418 3.58 13.22 3.25
N ARG A 419 3.59 14.48 3.70
CA ARG A 419 3.25 14.78 5.06
C ARG A 419 1.77 14.81 5.37
N THR A 420 0.93 14.91 4.34
CA THR A 420 -0.54 14.98 4.45
C THR A 420 -1.12 13.61 4.08
N TYR A 421 -0.92 13.21 2.84
CA TYR A 421 -1.57 11.99 2.28
C TYR A 421 -0.81 10.72 2.47
N GLY A 422 0.50 10.82 2.60
CA GLY A 422 1.38 9.65 2.75
C GLY A 422 1.21 8.73 1.56
N SER A 423 1.00 7.43 1.85
CA SER A 423 0.70 6.47 0.78
C SER A 423 -0.62 6.65 -0.01
N ASN A 424 -1.55 7.50 0.42
CA ASN A 424 -2.68 7.88 -0.44
C ASN A 424 -2.27 8.87 -1.59
N SER A 425 -1.01 9.34 -1.60
CA SER A 425 -0.59 10.33 -2.61
C SER A 425 -0.76 9.80 -4.03
N GLU A 426 -0.52 8.50 -4.25
CA GLU A 426 -0.74 7.91 -5.60
C GLU A 426 -2.20 7.90 -6.02
N LEU A 427 -3.12 7.77 -5.06
CA LEU A 427 -4.53 7.87 -5.47
C LEU A 427 -4.90 9.31 -5.86
N LEU A 428 -4.34 10.30 -5.15
CA LEU A 428 -4.58 11.72 -5.49
C LEU A 428 -4.01 12.06 -6.91
N LEU A 429 -2.82 11.61 -7.19
CA LEU A 429 -2.16 12.06 -8.39
C LEU A 429 -2.72 11.31 -9.61
N GLY A 430 -3.25 10.08 -9.40
CA GLY A 430 -3.99 9.36 -10.44
C GLY A 430 -3.07 9.23 -11.65
N ASN A 431 -3.59 9.63 -12.81
CA ASN A 431 -2.81 9.59 -14.05
C ASN A 431 -2.09 10.91 -14.46
N ALA A 432 -1.97 11.89 -13.52
CA ALA A 432 -1.16 13.13 -13.71
C ALA A 432 0.31 12.88 -14.10
N GLY A 433 0.82 13.60 -15.08
CA GLY A 433 2.23 13.47 -15.49
C GLY A 433 2.94 14.79 -15.70
N THR A 434 2.22 15.88 -15.50
CA THR A 434 2.74 17.24 -15.49
C THR A 434 2.06 18.06 -14.37
N VAL A 435 2.56 19.27 -14.11
CA VAL A 435 1.90 20.26 -13.23
C VAL A 435 0.54 20.57 -13.78
N SER A 436 0.45 20.78 -15.07
CA SER A 436 -0.78 21.17 -15.70
C SER A 436 -1.93 20.13 -15.57
N ASP A 437 -1.58 18.82 -15.44
CA ASP A 437 -2.55 17.76 -15.15
C ASP A 437 -3.19 17.87 -13.76
N LEU A 438 -2.65 18.73 -12.89
CA LEU A 438 -3.21 18.94 -11.52
C LEU A 438 -4.39 19.90 -11.54
N GLY A 439 -4.58 20.60 -12.66
CA GLY A 439 -5.79 21.45 -12.83
C GLY A 439 -5.60 22.84 -12.20
N GLU A 440 -6.71 23.53 -11.95
CA GLU A 440 -6.72 24.88 -11.37
C GLU A 440 -5.81 24.99 -10.12
N ASP A 441 -5.03 26.06 -10.14
CA ASP A 441 -4.17 26.40 -9.02
C ASP A 441 -4.98 27.33 -8.17
N PHE A 442 -5.27 26.93 -6.92
CA PHE A 442 -6.15 27.76 -6.08
C PHE A 442 -5.25 28.64 -5.19
N GLY A 443 -3.94 28.44 -5.29
CA GLY A 443 -2.96 29.19 -4.53
C GLY A 443 -2.14 28.32 -3.61
N HIS A 444 -0.91 28.75 -3.29
CA HIS A 444 0.07 28.00 -2.48
C HIS A 444 0.10 26.52 -2.91
N GLU A 445 0.04 26.23 -4.23
CA GLU A 445 0.16 24.83 -4.75
C GLU A 445 -0.90 23.88 -4.24
N PHE A 446 -2.08 24.45 -4.05
CA PHE A 446 -3.27 23.72 -3.68
C PHE A 446 -4.06 23.57 -4.97
N TYR A 447 -3.93 22.41 -5.59
CA TYR A 447 -4.50 22.26 -6.94
C TYR A 447 -5.81 21.52 -6.89
N GLU A 448 -6.57 21.70 -7.96
CA GLU A 448 -7.82 21.03 -8.19
C GLU A 448 -7.75 19.47 -7.95
N ALA A 449 -6.63 18.86 -8.31
CA ALA A 449 -6.43 17.41 -8.14
C ALA A 449 -6.49 17.05 -6.65
N GLU A 450 -5.91 17.91 -5.82
CA GLU A 450 -5.97 17.69 -4.37
C GLU A 450 -7.38 17.82 -3.82
N LEU A 451 -8.00 18.94 -4.16
CA LEU A 451 -9.36 19.27 -3.75
C LEU A 451 -10.38 18.23 -4.19
N LYS A 452 -10.26 17.75 -5.41
CA LYS A 452 -11.17 16.69 -5.90
C LYS A 452 -10.96 15.42 -5.11
N TYR A 453 -9.71 15.06 -4.95
CA TYR A 453 -9.34 13.94 -4.12
C TYR A 453 -9.92 14.05 -2.70
N LEU A 454 -9.84 15.24 -2.13
CA LEU A 454 -10.45 15.48 -0.77
C LEU A 454 -11.97 15.28 -0.70
N VAL A 455 -12.71 15.71 -1.73
CA VAL A 455 -14.15 15.47 -1.81
C VAL A 455 -14.44 13.95 -1.99
N ASP A 456 -13.67 13.32 -2.88
CA ASP A 456 -13.92 11.90 -3.32
C ASP A 456 -13.55 10.92 -2.22
N HIS A 457 -12.51 11.25 -1.44
CA HIS A 457 -11.96 10.27 -0.54
C HIS A 457 -11.81 10.72 0.90
N GLU A 458 -12.06 12.02 1.18
CA GLU A 458 -11.84 12.54 2.54
C GLU A 458 -13.04 13.29 3.09
N TRP A 459 -14.24 13.01 2.55
CA TRP A 459 -15.52 13.63 3.03
C TRP A 459 -15.57 15.17 3.03
N VAL A 460 -14.70 15.83 2.28
CA VAL A 460 -14.78 17.26 2.17
C VAL A 460 -16.09 17.72 1.49
N ARG A 461 -16.81 18.63 2.15
CA ARG A 461 -18.05 19.18 1.69
C ARG A 461 -18.00 20.72 1.58
N ARG A 462 -17.31 21.40 2.52
CA ARG A 462 -17.18 22.90 2.57
C ARG A 462 -15.67 23.27 2.59
N ALA A 463 -15.35 24.51 2.22
CA ALA A 463 -13.93 25.01 2.12
C ALA A 463 -13.11 24.73 3.42
N ASP A 464 -13.75 24.93 4.56
CA ASP A 464 -13.05 24.85 5.86
C ASP A 464 -12.60 23.42 6.15
N ASP A 465 -13.38 22.44 5.74
CA ASP A 465 -13.02 21.01 5.87
C ASP A 465 -11.66 20.82 5.20
N ALA A 466 -11.55 21.32 3.98
CA ALA A 466 -10.37 21.14 3.18
C ALA A 466 -9.22 22.00 3.63
N LEU A 467 -9.51 23.28 3.99
CA LEU A 467 -8.47 24.26 4.21
C LEU A 467 -8.01 24.34 5.66
N TRP A 468 -8.82 23.82 6.56
CA TRP A 468 -8.50 23.91 7.98
C TRP A 468 -8.44 22.60 8.74
N ARG A 469 -8.98 21.53 8.16
CA ARG A 469 -9.01 20.23 8.82
C ARG A 469 -8.19 19.15 8.10
N ARG A 470 -8.48 18.91 6.83
CA ARG A 470 -7.66 17.99 6.04
C ARG A 470 -6.26 18.55 5.85
N THR A 471 -6.18 19.86 5.65
CA THR A 471 -4.94 20.56 5.49
C THR A 471 -5.00 21.80 6.36
N LYS A 472 -3.92 22.58 6.30
CA LYS A 472 -3.88 23.93 6.91
C LYS A 472 -3.50 24.98 5.85
N GLN A 473 -3.88 24.72 4.58
CA GLN A 473 -3.74 25.67 3.50
C GLN A 473 -4.45 27.00 3.82
N GLY A 474 -5.46 26.96 4.69
CA GLY A 474 -6.10 28.20 5.10
C GLY A 474 -5.09 29.18 5.70
N MET A 475 -3.96 28.69 6.16
CA MET A 475 -2.92 29.58 6.67
C MET A 475 -2.32 30.47 5.53
N TRP A 476 -2.39 30.03 4.27
CA TRP A 476 -1.81 30.81 3.20
C TRP A 476 -2.84 31.40 2.21
N LEU A 477 -4.03 30.82 2.07
CA LEU A 477 -4.93 31.29 0.99
C LEU A 477 -5.56 32.59 1.43
N ASN A 478 -5.61 33.60 0.56
CA ASN A 478 -6.37 34.83 0.91
C ASN A 478 -7.89 34.63 0.83
N ALA A 479 -8.65 35.65 1.21
CA ALA A 479 -10.09 35.58 1.29
C ALA A 479 -10.76 35.25 -0.07
N ASP A 480 -10.28 35.91 -1.13
CA ASP A 480 -10.74 35.62 -2.46
C ASP A 480 -10.37 34.19 -2.87
N GLN A 481 -9.17 33.70 -2.55
CA GLN A 481 -8.77 32.34 -2.90
C GLN A 481 -9.61 31.30 -2.17
N GLN A 482 -10.03 31.62 -0.94
CA GLN A 482 -10.85 30.70 -0.12
C GLN A 482 -12.26 30.70 -0.62
N SER A 483 -12.73 31.84 -1.07
CA SER A 483 -14.06 31.85 -1.64
C SER A 483 -14.17 31.13 -3.01
N ARG A 484 -13.10 31.20 -3.83
CA ARG A 484 -13.01 30.39 -5.02
C ARG A 484 -12.97 28.86 -4.73
N VAL A 485 -12.32 28.43 -3.64
CA VAL A 485 -12.43 27.02 -3.21
C VAL A 485 -13.88 26.67 -2.90
N SER A 486 -14.63 27.52 -2.21
CA SER A 486 -16.07 27.25 -1.92
C SER A 486 -16.93 27.16 -3.20
N GLN A 487 -16.70 28.10 -4.15
CA GLN A 487 -17.39 28.17 -5.45
C GLN A 487 -17.14 26.84 -6.16
N TRP A 488 -15.88 26.40 -6.19
CA TRP A 488 -15.56 25.13 -6.82
C TRP A 488 -16.27 23.94 -6.19
N LEU A 489 -16.34 23.90 -4.86
CA LEU A 489 -16.98 22.80 -4.14
C LEU A 489 -18.52 22.73 -4.41
N VAL A 490 -19.16 23.90 -4.47
CA VAL A 490 -20.54 24.04 -4.91
C VAL A 490 -20.71 23.43 -6.31
N GLU A 491 -19.94 23.90 -7.31
CA GLU A 491 -19.98 23.33 -8.65
C GLU A 491 -19.73 21.81 -8.68
N TYR A 492 -18.71 21.34 -7.95
CA TYR A 492 -18.39 19.94 -8.03
C TYR A 492 -19.34 19.04 -7.26
N THR A 493 -19.82 19.49 -6.09
CA THR A 493 -20.75 18.66 -5.29
C THR A 493 -22.21 18.92 -5.63
N GLN A 494 -22.46 19.62 -6.74
CA GLN A 494 -23.79 20.14 -7.10
C GLN A 494 -24.94 19.15 -6.93
N MET B 1 20.23 16.07 -18.29
CA MET B 1 21.38 15.12 -18.32
C MET B 1 21.01 13.88 -19.13
N GLU B 2 21.34 13.95 -20.42
CA GLU B 2 21.16 12.85 -21.35
C GLU B 2 21.59 11.50 -20.76
N THR B 3 22.63 11.51 -19.93
CA THR B 3 23.33 10.27 -19.60
C THR B 3 22.69 9.40 -18.52
N LYS B 4 22.16 8.26 -18.98
CA LYS B 4 21.57 7.23 -18.13
C LYS B 4 22.70 6.44 -17.53
N ASP B 5 22.55 5.95 -16.30
CA ASP B 5 23.50 5.01 -15.81
C ASP B 5 23.40 3.74 -16.65
N LEU B 6 22.19 3.23 -16.82
CA LEU B 6 22.02 1.89 -17.39
C LEU B 6 20.86 1.89 -18.37
N ILE B 7 21.09 1.38 -19.58
CA ILE B 7 20.03 1.01 -20.52
C ILE B 7 19.88 -0.49 -20.59
N VAL B 8 18.63 -0.95 -20.39
CA VAL B 8 18.28 -2.36 -20.48
C VAL B 8 17.45 -2.54 -21.74
N ILE B 9 17.94 -3.31 -22.70
CA ILE B 9 17.19 -3.56 -23.95
C ILE B 9 16.47 -4.87 -23.76
N GLY B 10 15.15 -4.86 -23.77
CA GLY B 10 14.42 -6.10 -23.51
C GLY B 10 13.48 -5.92 -22.36
N GLY B 11 12.21 -6.19 -22.60
CA GLY B 11 11.20 -6.05 -21.56
C GLY B 11 10.37 -7.30 -21.35
N GLY B 12 11.04 -8.45 -21.41
CA GLY B 12 10.54 -9.65 -20.85
C GLY B 12 10.89 -9.74 -19.39
N ILE B 13 10.73 -10.90 -18.82
CA ILE B 13 10.99 -11.05 -17.36
C ILE B 13 12.43 -10.66 -16.99
N ASN B 14 13.42 -11.07 -17.80
CA ASN B 14 14.81 -10.84 -17.33
C ASN B 14 15.22 -9.41 -17.47
N GLY B 15 14.83 -8.74 -18.56
CA GLY B 15 15.11 -7.33 -18.64
C GLY B 15 14.33 -6.50 -17.61
N ALA B 16 13.06 -6.84 -17.35
CA ALA B 16 12.26 -6.04 -16.39
C ALA B 16 12.80 -6.21 -14.98
N GLY B 17 13.19 -7.43 -14.64
CA GLY B 17 13.85 -7.69 -13.38
C GLY B 17 15.20 -6.99 -13.16
N ILE B 18 16.02 -6.87 -14.20
CA ILE B 18 17.31 -6.24 -14.05
C ILE B 18 17.09 -4.77 -13.89
N ALA B 19 16.22 -4.20 -14.73
CA ALA B 19 15.97 -2.76 -14.67
C ALA B 19 15.43 -2.34 -13.27
N ALA B 20 14.65 -3.23 -12.67
CA ALA B 20 13.94 -2.95 -11.38
C ALA B 20 14.92 -3.00 -10.22
N ASP B 21 15.69 -4.08 -10.18
CA ASP B 21 16.84 -4.18 -9.30
C ASP B 21 17.77 -2.95 -9.48
N ALA B 22 18.28 -2.72 -10.69
CA ALA B 22 19.05 -1.48 -10.94
C ALA B 22 18.41 -0.14 -10.42
N ALA B 23 17.16 0.18 -10.80
CA ALA B 23 16.52 1.40 -10.34
C ALA B 23 16.54 1.50 -8.79
N GLY B 24 16.36 0.37 -8.13
CA GLY B 24 16.29 0.30 -6.67
C GLY B 24 17.65 0.37 -6.01
N ARG B 25 18.70 0.65 -6.79
CA ARG B 25 20.04 0.81 -6.20
C ARG B 25 20.50 2.20 -6.52
N GLY B 26 19.60 3.02 -7.00
CA GLY B 26 19.91 4.38 -7.28
C GLY B 26 20.49 4.62 -8.66
N LEU B 27 20.63 3.59 -9.48
CA LEU B 27 21.01 3.86 -10.88
C LEU B 27 19.88 4.58 -11.66
N SER B 28 20.20 5.50 -12.56
CA SER B 28 19.16 6.00 -13.47
C SER B 28 19.01 4.97 -14.59
N VAL B 29 17.84 4.35 -14.67
CA VAL B 29 17.53 3.25 -15.61
C VAL B 29 16.51 3.60 -16.70
N LEU B 30 16.83 3.22 -17.94
CA LEU B 30 15.88 3.20 -19.01
C LEU B 30 15.76 1.75 -19.57
N MET B 31 14.54 1.20 -19.61
CA MET B 31 14.31 -0.14 -20.10
C MET B 31 13.59 0.06 -21.41
N LEU B 32 14.05 -0.59 -22.46
CA LEU B 32 13.44 -0.41 -23.76
C LEU B 32 12.78 -1.71 -24.22
N GLU B 33 11.52 -1.64 -24.66
CA GLU B 33 10.83 -2.85 -25.18
C GLU B 33 10.30 -2.59 -26.58
N ALA B 34 10.65 -3.47 -27.54
CA ALA B 34 10.38 -3.19 -28.93
C ALA B 34 8.90 -3.20 -29.20
N GLN B 35 8.17 -4.06 -28.49
CA GLN B 35 6.73 -4.15 -28.75
C GLN B 35 5.89 -3.97 -27.45
N ASP B 36 5.43 -5.03 -26.81
CA ASP B 36 4.73 -4.87 -25.56
C ASP B 36 5.54 -5.63 -24.52
N LEU B 37 5.38 -5.27 -23.24
CA LEU B 37 5.92 -6.03 -22.11
C LEU B 37 5.50 -7.48 -22.18
N ALA B 38 6.43 -8.39 -21.94
CA ALA B 38 6.13 -9.81 -22.06
C ALA B 38 5.57 -10.31 -23.42
N CYS B 39 5.70 -9.53 -24.51
CA CYS B 39 5.16 -9.96 -25.76
C CYS B 39 5.75 -11.24 -26.34
N ALA B 40 6.90 -11.75 -25.86
CA ALA B 40 7.46 -13.01 -26.43
C ALA B 40 7.50 -14.11 -25.40
N THR B 41 8.70 -14.57 -25.05
CA THR B 41 8.82 -15.81 -24.30
C THR B 41 8.16 -15.76 -22.96
N SER B 42 8.22 -14.59 -22.33
CA SER B 42 7.70 -14.39 -21.00
C SER B 42 6.19 -14.42 -20.89
N SER B 43 5.43 -14.46 -21.99
CA SER B 43 4.01 -14.69 -21.89
C SER B 43 3.63 -16.09 -22.48
N ALA B 44 4.64 -16.91 -22.84
CA ALA B 44 4.41 -18.16 -23.52
C ALA B 44 4.87 -19.37 -22.68
N SER B 45 5.00 -19.19 -21.38
CA SER B 45 5.59 -20.24 -20.51
C SER B 45 4.49 -21.15 -20.00
N SER B 46 4.82 -22.16 -19.19
CA SER B 46 3.84 -23.03 -18.56
C SER B 46 3.33 -22.35 -17.29
N LYS B 47 3.79 -21.13 -17.04
CA LYS B 47 3.35 -20.33 -15.89
C LYS B 47 3.64 -20.96 -14.51
N LEU B 48 4.79 -21.60 -14.34
CA LEU B 48 5.12 -22.31 -13.08
C LEU B 48 6.31 -21.72 -12.43
N ILE B 49 6.23 -21.53 -11.13
CA ILE B 49 7.48 -21.19 -10.40
C ILE B 49 7.84 -22.55 -9.85
N HIS B 50 8.79 -23.18 -10.49
CA HIS B 50 9.09 -24.56 -10.19
C HIS B 50 10.55 -24.73 -9.90
N GLY B 51 10.89 -25.76 -9.13
CA GLY B 51 12.28 -26.15 -8.93
C GLY B 51 12.91 -26.85 -10.12
N GLY B 52 12.15 -27.64 -10.86
CA GLY B 52 12.60 -28.25 -12.09
C GLY B 52 12.88 -29.71 -11.84
N LEU B 53 11.83 -30.44 -11.49
CA LEU B 53 11.92 -31.81 -11.07
C LEU B 53 12.67 -32.68 -12.05
N ARG B 54 12.27 -32.61 -13.32
CA ARG B 54 12.94 -33.37 -14.41
C ARG B 54 14.44 -33.09 -14.61
N TYR B 55 14.93 -31.93 -14.16
CA TYR B 55 16.33 -31.53 -14.26
C TYR B 55 17.28 -32.25 -13.26
N LEU B 56 16.75 -32.68 -12.13
CA LEU B 56 17.43 -33.62 -11.23
C LEU B 56 18.15 -34.83 -11.91
N GLU B 57 17.43 -35.55 -12.75
CA GLU B 57 17.94 -36.53 -13.71
C GLU B 57 19.17 -36.10 -14.51
N HIS B 58 19.36 -34.81 -14.72
CA HIS B 58 20.50 -34.26 -15.49
C HIS B 58 21.56 -33.62 -14.58
N TYR B 59 21.40 -33.81 -13.27
CA TYR B 59 22.34 -33.35 -12.23
C TYR B 59 22.47 -31.84 -12.07
N GLU B 60 21.41 -31.14 -12.46
CA GLU B 60 21.37 -29.68 -12.44
C GLU B 60 21.06 -29.11 -11.02
N PHE B 61 21.87 -29.48 -10.04
CA PHE B 61 21.69 -29.08 -8.64
C PHE B 61 21.80 -27.59 -8.36
N ARG B 62 22.70 -26.84 -9.03
CA ARG B 62 22.72 -25.43 -8.70
C ARG B 62 21.42 -24.70 -9.11
N LEU B 63 20.86 -25.07 -10.29
CA LEU B 63 19.58 -24.53 -10.79
C LEU B 63 18.37 -24.96 -9.93
N VAL B 64 18.19 -26.26 -9.76
CA VAL B 64 17.05 -26.86 -9.06
C VAL B 64 17.01 -26.29 -7.64
N SER B 65 18.19 -26.14 -7.06
CA SER B 65 18.38 -25.69 -5.73
C SER B 65 17.99 -24.23 -5.62
N GLU B 66 18.59 -23.40 -6.46
CA GLU B 66 18.24 -22.00 -6.51
C GLU B 66 16.72 -21.74 -6.76
N ALA B 67 16.16 -22.48 -7.73
CA ALA B 67 14.76 -22.37 -8.16
C ALA B 67 13.78 -22.79 -7.05
N LEU B 68 14.00 -23.95 -6.43
CA LEU B 68 13.17 -24.38 -5.27
C LEU B 68 13.11 -23.28 -4.21
N ALA B 69 14.26 -22.70 -3.88
CA ALA B 69 14.33 -21.65 -2.83
C ALA B 69 13.72 -20.29 -3.25
N GLU B 70 13.70 -20.01 -4.55
CA GLU B 70 12.99 -18.79 -5.04
C GLU B 70 11.46 -18.93 -5.02
N ARG B 71 10.92 -20.15 -5.02
CA ARG B 71 9.46 -20.30 -4.97
C ARG B 71 8.84 -19.39 -3.88
N GLU B 72 9.38 -19.48 -2.67
CA GLU B 72 8.82 -18.77 -1.53
C GLU B 72 9.19 -17.31 -1.47
N VAL B 73 10.35 -16.93 -1.99
CA VAL B 73 10.61 -15.52 -2.17
C VAL B 73 9.55 -14.85 -3.07
N LEU B 74 9.22 -15.47 -4.21
CA LEU B 74 8.27 -14.91 -5.23
C LEU B 74 6.83 -14.94 -4.72
N LEU B 75 6.44 -16.04 -4.08
CA LEU B 75 5.15 -16.06 -3.32
C LEU B 75 4.93 -14.87 -2.35
N LYS B 76 5.98 -14.32 -1.73
CA LYS B 76 5.83 -13.12 -0.88
C LYS B 76 5.95 -11.83 -1.67
N MET B 77 6.77 -11.83 -2.72
CA MET B 77 6.84 -10.65 -3.55
C MET B 77 5.54 -10.38 -4.27
N ALA B 78 4.88 -11.45 -4.70
CA ALA B 78 3.74 -11.26 -5.63
C ALA B 78 2.53 -12.16 -5.31
N PRO B 79 1.97 -12.05 -4.07
CA PRO B 79 0.93 -13.01 -3.71
C PRO B 79 -0.40 -12.75 -4.47
N HIS B 80 -0.53 -11.61 -5.13
CA HIS B 80 -1.72 -11.38 -6.00
C HIS B 80 -1.75 -12.31 -7.22
N ILE B 81 -0.60 -12.70 -7.78
CA ILE B 81 -0.63 -13.39 -9.08
C ILE B 81 0.06 -14.76 -9.03
N ALA B 82 0.58 -15.10 -7.85
CA ALA B 82 1.33 -16.32 -7.63
C ALA B 82 0.73 -17.02 -6.43
N PHE B 83 0.66 -18.36 -6.48
CA PHE B 83 0.08 -19.17 -5.42
C PHE B 83 0.58 -20.63 -5.46
N PRO B 84 0.54 -21.33 -4.29
CA PRO B 84 0.84 -22.78 -4.30
C PRO B 84 -0.07 -23.67 -5.12
N MET B 85 0.52 -24.71 -5.67
CA MET B 85 -0.25 -25.70 -6.40
C MET B 85 0.31 -27.06 -6.04
N ARG B 86 -0.50 -28.10 -6.14
CA ARG B 86 -0.04 -29.46 -5.93
C ARG B 86 0.03 -30.20 -7.24
N PHE B 87 1.07 -31.00 -7.40
CA PHE B 87 1.25 -31.77 -8.64
C PHE B 87 1.15 -33.25 -8.38
N ARG B 88 0.32 -33.91 -9.17
CA ARG B 88 0.19 -35.33 -9.16
C ARG B 88 0.93 -35.98 -10.31
N LEU B 89 1.91 -36.79 -9.92
CA LEU B 89 2.69 -37.64 -10.81
C LEU B 89 2.23 -39.11 -10.84
N PRO B 90 1.47 -39.55 -11.90
CA PRO B 90 1.06 -40.93 -12.07
C PRO B 90 2.27 -41.90 -12.30
N HIS B 91 2.17 -43.10 -11.72
CA HIS B 91 3.29 -44.05 -11.73
C HIS B 91 3.29 -44.89 -13.01
N ARG B 92 4.46 -44.92 -13.64
CA ARG B 92 4.67 -45.71 -14.85
C ARG B 92 6.01 -46.41 -14.72
N PRO B 93 6.03 -47.45 -13.89
CA PRO B 93 7.30 -48.14 -13.51
C PRO B 93 8.10 -48.62 -14.74
N HIS B 94 7.44 -48.92 -15.86
CA HIS B 94 8.18 -49.11 -17.10
C HIS B 94 9.08 -47.94 -17.54
N LEU B 95 8.90 -46.75 -16.95
CA LEU B 95 9.63 -45.57 -17.37
C LEU B 95 10.65 -45.16 -16.35
N ARG B 96 10.18 -45.08 -15.10
CA ARG B 96 10.98 -44.67 -13.97
C ARG B 96 10.56 -45.50 -12.72
N PRO B 97 11.54 -46.16 -12.05
CA PRO B 97 11.14 -47.03 -10.97
C PRO B 97 10.72 -46.23 -9.72
N ALA B 98 9.80 -46.80 -8.94
CA ALA B 98 9.22 -46.09 -7.79
C ALA B 98 10.30 -45.58 -6.88
N TRP B 99 11.30 -46.43 -6.63
CA TRP B 99 12.42 -46.12 -5.74
C TRP B 99 13.19 -44.86 -6.17
N MET B 100 13.26 -44.65 -7.48
CA MET B 100 13.91 -43.48 -8.08
C MET B 100 13.10 -42.18 -7.89
N ILE B 101 11.80 -42.27 -8.19
CA ILE B 101 10.86 -41.16 -7.92
C ILE B 101 10.98 -40.74 -6.44
N ARG B 102 10.86 -41.75 -5.58
CA ARG B 102 10.89 -41.59 -4.16
C ARG B 102 12.13 -40.82 -3.72
N ILE B 103 13.31 -41.04 -4.31
CA ILE B 103 14.50 -40.20 -3.93
C ILE B 103 14.51 -38.82 -4.56
N GLY B 104 14.04 -38.70 -5.79
CA GLY B 104 13.96 -37.36 -6.42
C GLY B 104 13.09 -36.39 -5.62
N LEU B 105 11.93 -36.89 -5.20
CA LEU B 105 11.02 -36.14 -4.30
C LEU B 105 11.69 -35.70 -2.97
N PHE B 106 12.40 -36.61 -2.31
CA PHE B 106 13.20 -36.22 -1.11
C PHE B 106 14.09 -35.02 -1.42
N MET B 107 14.87 -35.11 -2.49
CA MET B 107 15.75 -34.01 -2.90
C MET B 107 15.00 -32.67 -3.20
N TYR B 108 13.90 -32.78 -3.94
CA TYR B 108 12.94 -31.68 -4.18
C TYR B 108 12.48 -30.99 -2.87
N ASP B 109 12.17 -31.83 -1.87
CA ASP B 109 11.80 -31.37 -0.53
C ASP B 109 12.89 -30.61 0.26
N HIS B 110 14.17 -30.97 0.09
CA HIS B 110 15.24 -30.44 0.97
C HIS B 110 16.35 -29.62 0.29
N LEU B 111 16.52 -29.74 -1.03
CA LEU B 111 17.47 -28.85 -1.79
C LEU B 111 17.35 -27.27 -1.61
N GLY B 112 16.14 -26.76 -1.38
CA GLY B 112 15.95 -25.36 -0.94
C GLY B 112 15.05 -25.34 0.28
N LYS B 113 15.08 -24.24 1.04
CA LYS B 113 14.41 -24.07 2.39
C LYS B 113 13.76 -25.25 3.24
N ARG B 114 12.42 -25.48 3.20
CA ARG B 114 11.35 -24.64 2.61
C ARG B 114 10.27 -24.28 3.67
N THR B 115 10.25 -23.01 4.05
CA THR B 115 9.45 -22.41 5.13
C THR B 115 7.91 -22.63 5.12
N SER B 116 7.31 -23.11 4.01
CA SER B 116 5.83 -23.03 3.86
C SER B 116 5.10 -24.11 3.06
N LEU B 117 5.66 -24.47 1.91
CA LEU B 117 5.01 -25.42 1.02
C LEU B 117 5.15 -26.78 1.61
N PRO B 118 4.09 -27.59 1.52
CA PRO B 118 4.15 -28.99 1.97
C PRO B 118 5.45 -29.54 1.42
N GLY B 119 5.63 -30.85 1.31
CA GLY B 119 4.65 -31.86 1.68
C GLY B 119 5.19 -33.16 1.10
N SER B 120 4.50 -33.67 0.08
CA SER B 120 5.05 -34.67 -0.80
C SER B 120 4.76 -35.98 -0.26
N THR B 121 3.99 -36.69 -1.03
CA THR B 121 3.19 -37.79 -0.51
C THR B 121 2.96 -38.84 -1.62
N GLY B 122 2.54 -40.05 -1.25
CA GLY B 122 2.21 -41.09 -2.23
C GLY B 122 0.70 -41.02 -2.42
N LEU B 123 0.17 -41.74 -3.41
CA LEU B 123 -1.24 -41.66 -3.79
C LEU B 123 -1.66 -42.96 -4.41
N ARG B 124 -2.91 -43.39 -4.18
CA ARG B 124 -3.46 -44.49 -4.96
C ARG B 124 -4.65 -43.97 -5.77
N PHE B 125 -4.85 -44.55 -6.94
CA PHE B 125 -5.95 -44.13 -7.82
C PHE B 125 -6.85 -45.34 -7.92
N GLY B 126 -8.14 -45.14 -7.61
CA GLY B 126 -9.08 -46.22 -7.71
C GLY B 126 -9.96 -46.16 -8.93
N ALA B 127 -11.03 -46.93 -8.87
CA ALA B 127 -11.94 -47.09 -10.00
C ALA B 127 -12.70 -45.82 -10.35
N ASN B 128 -12.76 -44.86 -9.43
CA ASN B 128 -13.44 -43.61 -9.65
C ASN B 128 -12.49 -42.44 -9.90
N SER B 129 -11.21 -42.69 -10.21
CA SER B 129 -10.26 -41.55 -10.39
C SER B 129 -10.48 -40.93 -11.79
N VAL B 130 -9.65 -39.94 -12.18
CA VAL B 130 -9.77 -39.31 -13.52
C VAL B 130 -8.85 -40.08 -14.51
N LEU B 131 -7.91 -40.84 -13.94
CA LEU B 131 -6.92 -41.61 -14.69
C LEU B 131 -7.46 -42.96 -15.14
N LYS B 132 -6.92 -43.53 -16.22
CA LYS B 132 -7.35 -44.86 -16.68
C LYS B 132 -7.11 -45.92 -15.57
N PRO B 133 -7.98 -46.96 -15.47
CA PRO B 133 -7.87 -47.93 -14.31
C PRO B 133 -6.52 -48.62 -14.08
N GLU B 134 -5.79 -48.94 -15.15
CA GLU B 134 -4.49 -49.56 -15.05
C GLU B 134 -3.47 -48.69 -14.34
N ILE B 135 -3.75 -47.38 -14.17
CA ILE B 135 -2.86 -46.57 -13.40
C ILE B 135 -3.37 -46.56 -11.98
N LYS B 136 -2.59 -47.05 -11.02
CA LYS B 136 -3.12 -47.29 -9.67
C LYS B 136 -2.32 -46.58 -8.64
N ARG B 137 -1.19 -46.03 -9.03
CA ARG B 137 -0.29 -45.45 -8.06
C ARG B 137 0.24 -44.09 -8.56
N GLY B 138 0.59 -43.21 -7.63
CA GLY B 138 1.12 -41.94 -8.01
C GLY B 138 1.82 -41.30 -6.87
N PHE B 139 2.22 -40.04 -7.04
CA PHE B 139 2.89 -39.21 -6.06
C PHE B 139 2.40 -37.78 -6.21
N GLU B 140 2.52 -36.99 -5.15
CA GLU B 140 2.05 -35.60 -5.13
C GLU B 140 3.08 -34.76 -4.42
N TYR B 141 3.40 -33.57 -4.97
CA TYR B 141 4.37 -32.60 -4.39
C TYR B 141 3.97 -31.17 -4.65
N SER B 142 4.69 -30.23 -4.06
CA SER B 142 4.40 -28.82 -4.27
C SER B 142 5.27 -28.08 -5.32
N ASP B 143 4.62 -27.21 -6.08
CA ASP B 143 5.33 -26.12 -6.76
C ASP B 143 4.43 -24.86 -6.79
N CYS B 144 4.72 -23.86 -7.63
CA CYS B 144 3.83 -22.71 -7.66
C CYS B 144 3.39 -22.32 -9.07
N TRP B 145 2.26 -21.60 -9.12
CA TRP B 145 1.73 -21.06 -10.35
C TRP B 145 1.93 -19.55 -10.31
N VAL B 146 2.29 -18.97 -11.45
CA VAL B 146 2.39 -17.51 -11.57
C VAL B 146 1.84 -16.97 -12.90
N ASP B 147 1.24 -15.77 -12.84
CA ASP B 147 0.68 -15.13 -14.02
C ASP B 147 1.87 -14.47 -14.71
N ASP B 148 2.48 -15.23 -15.62
CA ASP B 148 3.77 -14.82 -16.12
C ASP B 148 3.84 -13.38 -16.68
N ALA B 149 2.97 -13.02 -17.61
CA ALA B 149 2.99 -11.69 -18.18
C ALA B 149 2.75 -10.60 -17.11
N ARG B 150 1.93 -10.85 -16.12
CA ARG B 150 1.71 -9.85 -15.01
C ARG B 150 2.88 -9.73 -14.01
N LEU B 151 3.69 -10.78 -13.87
CA LEU B 151 4.97 -10.71 -13.18
C LEU B 151 5.97 -9.75 -13.89
N VAL B 152 6.03 -9.82 -15.22
CA VAL B 152 6.83 -8.89 -15.97
C VAL B 152 6.30 -7.42 -15.74
N LEU B 153 5.00 -7.25 -15.88
CA LEU B 153 4.36 -5.94 -15.65
C LEU B 153 4.64 -5.36 -14.24
N ALA B 154 4.55 -6.22 -13.23
CA ALA B 154 4.83 -5.81 -11.81
C ALA B 154 6.27 -5.25 -11.72
N ASN B 155 7.21 -5.91 -12.43
CA ASN B 155 8.58 -5.41 -12.42
C ASN B 155 8.75 -4.12 -13.16
N ALA B 156 8.04 -3.94 -14.29
CA ALA B 156 8.07 -2.66 -15.01
C ALA B 156 7.58 -1.52 -14.18
N GLN B 157 6.52 -1.79 -13.40
CA GLN B 157 5.91 -0.75 -12.54
C GLN B 157 6.93 -0.39 -11.46
N MET B 158 7.60 -1.39 -10.91
CA MET B 158 8.69 -1.22 -9.94
C MET B 158 9.84 -0.31 -10.45
N VAL B 159 10.32 -0.53 -11.68
CA VAL B 159 11.25 0.38 -12.34
C VAL B 159 10.90 1.88 -12.15
N VAL B 160 9.75 2.25 -12.76
CA VAL B 160 9.09 3.56 -12.75
C VAL B 160 8.86 4.13 -11.32
N ARG B 161 8.47 3.26 -10.42
CA ARG B 161 8.22 3.63 -9.03
C ARG B 161 9.53 4.04 -8.38
N LYS B 162 10.61 3.33 -8.77
CA LYS B 162 11.93 3.62 -8.24
C LYS B 162 12.60 4.68 -9.08
N GLY B 163 11.88 5.41 -9.90
CA GLY B 163 12.44 6.55 -10.63
C GLY B 163 13.02 6.26 -12.00
N GLY B 164 12.93 5.01 -12.47
CA GLY B 164 13.35 4.64 -13.82
C GLY B 164 12.29 4.95 -14.85
N GLU B 165 12.58 4.68 -16.11
CA GLU B 165 11.76 5.04 -17.24
C GLU B 165 11.58 3.72 -18.02
N VAL B 166 10.36 3.52 -18.57
CA VAL B 166 10.07 2.33 -19.38
C VAL B 166 9.42 2.82 -20.64
N LEU B 167 9.99 2.41 -21.77
CA LEU B 167 9.38 2.76 -23.07
C LEU B 167 9.00 1.48 -23.76
N THR B 168 7.83 1.41 -24.35
CA THR B 168 7.46 0.24 -25.13
C THR B 168 7.20 0.71 -26.52
N ARG B 169 6.92 -0.23 -27.43
CA ARG B 169 6.80 0.10 -28.83
C ARG B 169 8.05 0.85 -29.36
N THR B 170 9.17 0.67 -28.66
CA THR B 170 10.48 1.26 -28.94
C THR B 170 11.59 0.21 -29.09
N ARG B 171 12.01 0.01 -30.34
CA ARG B 171 13.01 -0.94 -30.73
C ARG B 171 14.40 -0.33 -30.84
N ALA B 172 15.34 -0.86 -30.05
CA ALA B 172 16.73 -0.41 -30.07
C ALA B 172 17.30 -0.95 -31.37
N THR B 173 17.93 -0.07 -32.12
CA THR B 173 18.37 -0.41 -33.48
C THR B 173 19.90 -0.53 -33.49
N SER B 174 20.59 0.26 -32.68
CA SER B 174 22.03 0.10 -32.43
C SER B 174 22.51 0.52 -31.06
N ALA B 175 23.68 -0.03 -30.69
CA ALA B 175 24.40 0.35 -29.49
C ALA B 175 25.90 0.25 -29.86
N ARG B 176 26.64 1.33 -29.60
CA ARG B 176 28.09 1.37 -29.89
C ARG B 176 28.81 2.13 -28.76
N ARG B 177 30.04 1.70 -28.46
CA ARG B 177 30.87 2.44 -27.50
C ARG B 177 31.52 3.64 -28.19
N GLU B 178 31.37 4.82 -27.60
CA GLU B 178 32.03 6.02 -28.07
C GLU B 178 32.48 6.86 -26.90
N ASN B 179 33.80 7.05 -26.79
CA ASN B 179 34.37 7.97 -25.81
C ASN B 179 34.06 7.58 -24.38
N GLY B 180 34.16 6.30 -24.05
CA GLY B 180 33.82 5.80 -22.69
C GLY B 180 32.32 5.51 -22.36
N LEU B 181 31.44 5.77 -23.30
CA LEU B 181 30.00 5.75 -23.09
C LEU B 181 29.36 4.91 -24.18
N TRP B 182 28.16 4.37 -23.89
CA TRP B 182 27.29 3.78 -24.89
C TRP B 182 26.44 4.84 -25.53
N ILE B 183 26.33 4.78 -26.82
CA ILE B 183 25.36 5.50 -27.54
C ILE B 183 24.32 4.43 -28.03
N VAL B 184 23.08 4.57 -27.58
CA VAL B 184 22.01 3.62 -27.95
C VAL B 184 21.05 4.36 -28.82
N GLU B 185 20.86 3.87 -30.03
CA GLU B 185 19.81 4.37 -30.88
C GLU B 185 18.56 3.46 -30.89
N ALA B 186 17.39 4.07 -30.92
CA ALA B 186 16.08 3.36 -30.93
C ALA B 186 15.04 4.08 -31.74
N GLU B 187 14.02 3.35 -32.15
CA GLU B 187 12.92 4.00 -32.82
C GLU B 187 11.56 3.47 -32.45
N ASP B 188 10.59 4.38 -32.51
CA ASP B 188 9.24 4.05 -32.21
C ASP B 188 8.67 3.28 -33.37
N ILE B 189 8.13 2.06 -33.08
CA ILE B 189 7.74 1.15 -34.13
C ILE B 189 6.52 1.60 -34.92
N ASP B 190 5.75 2.53 -34.37
CA ASP B 190 4.54 3.02 -35.04
C ASP B 190 4.84 4.35 -35.80
N THR B 191 5.32 5.36 -35.07
CA THR B 191 5.62 6.66 -35.67
C THR B 191 7.01 6.89 -36.37
N GLY B 192 7.94 5.93 -36.29
CA GLY B 192 9.32 6.15 -36.72
C GLY B 192 10.12 7.21 -35.94
N LYS B 193 9.59 7.75 -34.85
CA LYS B 193 10.37 8.71 -34.07
C LYS B 193 11.70 8.09 -33.59
N LYS B 194 12.83 8.82 -33.80
CA LYS B 194 14.15 8.27 -33.54
C LYS B 194 14.57 8.78 -32.23
N TYR B 195 15.32 7.99 -31.47
CA TYR B 195 15.90 8.45 -30.22
C TYR B 195 17.37 8.08 -30.17
N SER B 196 18.11 8.85 -29.38
CA SER B 196 19.51 8.56 -29.11
C SER B 196 19.75 8.86 -27.65
N TRP B 197 20.34 7.92 -26.91
CA TRP B 197 20.69 8.18 -25.51
C TRP B 197 22.12 7.81 -25.29
N GLN B 198 22.68 8.34 -24.21
CA GLN B 198 24.02 8.03 -23.80
C GLN B 198 23.85 7.24 -22.52
N ALA B 199 24.59 6.17 -22.33
CA ALA B 199 24.51 5.43 -21.10
C ALA B 199 25.91 5.02 -20.65
N ARG B 200 26.06 4.79 -19.35
CA ARG B 200 27.29 4.27 -18.71
C ARG B 200 27.41 2.73 -18.76
N GLY B 201 26.28 2.05 -18.87
CA GLY B 201 26.20 0.60 -18.88
C GLY B 201 25.07 0.15 -19.82
N LEU B 202 25.18 -1.08 -20.32
CA LEU B 202 24.22 -1.64 -21.27
C LEU B 202 23.89 -3.08 -20.90
N VAL B 203 22.59 -3.42 -20.87
CA VAL B 203 22.16 -4.82 -20.69
C VAL B 203 21.51 -5.33 -22.00
N ASN B 204 22.07 -6.37 -22.59
CA ASN B 204 21.36 -7.07 -23.65
C ASN B 204 20.56 -8.26 -23.05
N ALA B 205 19.28 -7.94 -22.75
CA ALA B 205 18.31 -8.95 -22.25
C ALA B 205 17.13 -9.18 -23.26
N THR B 206 17.48 -9.38 -24.53
CA THR B 206 16.53 -9.54 -25.61
C THR B 206 16.09 -11.03 -25.85
N GLY B 207 16.39 -11.89 -24.90
CA GLY B 207 15.86 -13.26 -24.89
C GLY B 207 16.27 -14.03 -26.18
N PRO B 208 15.29 -14.53 -26.98
CA PRO B 208 15.70 -15.16 -28.23
C PRO B 208 16.44 -14.32 -29.26
N TRP B 209 16.37 -12.99 -29.13
CA TRP B 209 17.09 -12.09 -30.00
C TRP B 209 18.53 -11.76 -29.49
N VAL B 210 18.97 -12.33 -28.38
CA VAL B 210 20.28 -11.96 -27.73
C VAL B 210 21.50 -11.98 -28.69
N LYS B 211 21.62 -13.02 -29.51
CA LYS B 211 22.76 -13.12 -30.40
C LYS B 211 22.50 -12.23 -31.64
N GLN B 212 21.30 -12.27 -32.16
CA GLN B 212 20.92 -11.33 -33.22
C GLN B 212 21.24 -9.88 -32.88
N PHE B 213 20.94 -9.45 -31.66
CA PHE B 213 21.25 -8.06 -31.32
C PHE B 213 22.80 -7.80 -31.34
N PHE B 214 23.60 -8.78 -30.87
CA PHE B 214 25.06 -8.72 -31.00
C PHE B 214 25.41 -8.58 -32.46
N ASP B 215 24.82 -9.41 -33.31
CA ASP B 215 25.20 -9.46 -34.73
C ASP B 215 24.76 -8.20 -35.46
N ASP B 216 23.49 -7.81 -35.33
CA ASP B 216 22.96 -6.70 -36.14
C ASP B 216 22.90 -5.37 -35.40
N GLY B 217 22.77 -5.40 -34.08
CA GLY B 217 22.68 -4.14 -33.36
C GLY B 217 24.02 -3.59 -32.88
N MET B 218 24.98 -4.45 -32.57
CA MET B 218 26.22 -3.95 -31.97
C MET B 218 27.46 -4.25 -32.84
N HIS B 219 27.33 -5.22 -33.76
CA HIS B 219 28.46 -5.71 -34.57
C HIS B 219 29.57 -6.22 -33.68
N LEU B 220 29.22 -6.95 -32.62
CA LEU B 220 30.18 -7.49 -31.65
C LEU B 220 30.01 -8.98 -31.58
N PRO B 221 31.11 -9.73 -31.29
CA PRO B 221 30.85 -11.18 -31.25
C PRO B 221 30.10 -11.55 -29.99
N SER B 222 29.08 -12.42 -30.13
CA SER B 222 28.34 -12.98 -28.98
C SER B 222 29.21 -13.96 -28.20
N PRO B 223 29.27 -13.84 -26.86
CA PRO B 223 30.01 -14.91 -26.10
C PRO B 223 29.40 -16.33 -26.20
N TYR B 224 28.07 -16.45 -26.42
CA TYR B 224 27.42 -17.77 -26.48
C TYR B 224 26.49 -17.84 -27.66
N GLY B 225 26.13 -19.08 -28.01
CA GLY B 225 25.57 -19.42 -29.32
C GLY B 225 24.05 -19.43 -29.52
N ILE B 226 23.32 -19.53 -28.40
CA ILE B 226 21.85 -19.70 -28.38
C ILE B 226 21.10 -20.82 -29.19
N ARG B 227 20.36 -21.67 -28.48
CA ARG B 227 19.50 -22.66 -29.09
C ARG B 227 18.06 -22.25 -28.89
N LEU B 228 17.27 -22.17 -29.98
CA LEU B 228 15.83 -21.82 -29.92
C LEU B 228 15.03 -23.08 -29.89
N ILE B 229 14.36 -23.32 -28.79
CA ILE B 229 13.67 -24.56 -28.65
C ILE B 229 12.19 -24.17 -28.48
N LYS B 230 11.37 -24.45 -29.50
CA LYS B 230 9.98 -24.12 -29.47
C LYS B 230 9.26 -25.04 -28.49
N GLY B 231 8.32 -24.46 -27.75
CA GLY B 231 7.33 -25.24 -26.97
C GLY B 231 5.98 -24.61 -27.11
N SER B 232 4.94 -25.46 -27.22
CA SER B 232 3.56 -25.02 -27.39
C SER B 232 2.63 -25.59 -26.30
N HIS B 233 1.44 -24.98 -26.15
CA HIS B 233 0.47 -25.41 -25.15
C HIS B 233 -0.87 -25.43 -25.84
N ILE B 234 -1.78 -26.33 -25.44
CA ILE B 234 -3.16 -26.24 -25.89
C ILE B 234 -4.06 -25.97 -24.70
N VAL B 235 -5.23 -25.38 -24.97
CA VAL B 235 -6.20 -25.04 -23.87
C VAL B 235 -7.52 -25.69 -24.18
N VAL B 236 -8.09 -26.39 -23.21
CA VAL B 236 -9.40 -27.03 -23.37
C VAL B 236 -10.31 -26.62 -22.20
N PRO B 237 -11.65 -26.74 -22.36
CA PRO B 237 -12.51 -26.66 -21.13
C PRO B 237 -11.95 -27.64 -20.15
N ARG B 238 -12.01 -27.31 -18.89
CA ARG B 238 -11.38 -28.05 -17.84
C ARG B 238 -11.70 -29.55 -17.89
N VAL B 239 -10.65 -30.36 -17.83
CA VAL B 239 -10.79 -31.81 -18.08
C VAL B 239 -11.38 -32.56 -16.88
N HIS B 240 -11.40 -31.89 -15.73
CA HIS B 240 -11.92 -32.42 -14.46
C HIS B 240 -12.11 -31.22 -13.54
N THR B 241 -12.76 -31.42 -12.38
CA THR B 241 -12.89 -30.34 -11.40
C THR B 241 -11.90 -30.39 -10.21
N GLN B 242 -10.85 -31.22 -10.29
CA GLN B 242 -9.84 -31.19 -9.27
C GLN B 242 -8.99 -29.90 -9.26
N LYS B 243 -8.55 -29.47 -8.07
CA LYS B 243 -7.60 -28.39 -7.87
C LYS B 243 -6.16 -28.66 -8.38
N GLN B 244 -5.85 -29.95 -8.50
CA GLN B 244 -4.47 -30.40 -8.74
C GLN B 244 -4.09 -30.38 -10.22
N ALA B 245 -2.83 -30.01 -10.42
CA ALA B 245 -2.14 -30.18 -11.68
C ALA B 245 -1.69 -31.64 -11.72
N TYR B 246 -1.68 -32.24 -12.91
CA TYR B 246 -1.09 -33.57 -13.13
C TYR B 246 0.22 -33.40 -13.88
N ILE B 247 1.23 -34.21 -13.57
CA ILE B 247 2.50 -34.22 -14.33
C ILE B 247 2.76 -35.57 -14.88
N LEU B 248 2.69 -35.67 -16.21
CA LEU B 248 2.66 -36.95 -16.88
C LEU B 248 3.99 -37.34 -17.53
N GLN B 249 4.39 -38.59 -17.26
CA GLN B 249 5.62 -39.20 -17.84
C GLN B 249 5.30 -39.78 -19.19
N ASN B 250 5.88 -39.19 -20.25
CA ASN B 250 5.67 -39.65 -21.62
C ASN B 250 6.76 -40.72 -21.97
N GLU B 251 6.51 -41.51 -23.00
CA GLU B 251 7.39 -42.58 -23.50
C GLU B 251 8.78 -42.10 -23.96
N ASP B 252 8.90 -40.80 -24.31
CA ASP B 252 10.18 -40.23 -24.76
C ASP B 252 11.02 -39.68 -23.59
N LYS B 253 10.57 -39.94 -22.35
CA LYS B 253 11.20 -39.41 -21.11
C LYS B 253 10.98 -37.92 -20.80
N ARG B 254 10.21 -37.22 -21.63
CA ARG B 254 9.69 -35.87 -21.23
C ARG B 254 8.50 -36.00 -20.26
N ILE B 255 8.23 -34.91 -19.53
CA ILE B 255 7.05 -34.78 -18.72
C ILE B 255 6.13 -33.73 -19.42
N VAL B 256 4.81 -33.96 -19.38
CA VAL B 256 3.85 -33.00 -19.93
C VAL B 256 2.87 -32.69 -18.75
N PHE B 257 2.53 -31.39 -18.57
CA PHE B 257 1.59 -30.95 -17.52
C PHE B 257 0.16 -30.82 -17.99
N VAL B 258 -0.77 -31.02 -17.04
CA VAL B 258 -2.20 -30.71 -17.17
C VAL B 258 -2.50 -29.78 -15.95
N ILE B 259 -2.69 -28.48 -16.19
CA ILE B 259 -2.70 -27.44 -15.15
C ILE B 259 -4.12 -26.80 -15.16
N PRO B 260 -4.81 -26.75 -13.99
CA PRO B 260 -6.14 -26.03 -14.00
C PRO B 260 -5.90 -24.57 -14.30
N TRP B 261 -6.77 -23.95 -15.05
CA TRP B 261 -6.48 -22.59 -15.43
C TRP B 261 -7.76 -21.76 -15.31
N MET B 262 -7.68 -20.71 -14.47
CA MET B 262 -8.81 -19.79 -14.36
C MET B 262 -10.18 -20.48 -14.06
N ASP B 263 -10.16 -21.54 -13.26
CA ASP B 263 -11.40 -22.24 -12.80
C ASP B 263 -12.23 -22.82 -13.91
N GLU B 264 -11.95 -22.52 -15.17
CA GLU B 264 -12.78 -23.05 -16.30
C GLU B 264 -12.01 -23.87 -17.30
N PHE B 265 -10.69 -23.73 -17.29
CA PHE B 265 -9.89 -24.34 -18.33
C PHE B 265 -8.83 -25.28 -17.78
N SER B 266 -8.31 -26.09 -18.68
CA SER B 266 -7.03 -26.74 -18.39
C SER B 266 -5.99 -26.37 -19.44
N ILE B 267 -4.75 -26.15 -19.02
CA ILE B 267 -3.63 -25.97 -19.98
C ILE B 267 -2.83 -27.30 -20.08
N ILE B 268 -2.61 -27.76 -21.31
CA ILE B 268 -1.78 -28.92 -21.56
C ILE B 268 -0.54 -28.49 -22.34
N GLY B 269 0.67 -28.71 -21.79
CA GLY B 269 1.93 -28.41 -22.46
C GLY B 269 3.08 -29.07 -21.66
N THR B 270 4.32 -29.07 -22.18
CA THR B 270 4.64 -28.56 -23.46
C THR B 270 5.47 -29.57 -24.28
N THR B 271 6.23 -28.99 -25.24
CA THR B 271 6.97 -29.70 -26.34
C THR B 271 8.36 -29.10 -26.37
N ASP B 272 9.29 -29.75 -27.08
CA ASP B 272 10.71 -29.31 -27.25
C ASP B 272 11.03 -29.55 -28.72
N VAL B 273 10.84 -28.56 -29.55
CA VAL B 273 11.03 -28.66 -30.99
C VAL B 273 12.16 -27.68 -31.40
N GLU B 274 13.23 -28.14 -32.05
CA GLU B 274 14.31 -27.21 -32.43
C GLU B 274 13.67 -26.25 -33.45
N TYR B 275 14.00 -24.98 -33.33
CA TYR B 275 13.31 -23.95 -34.10
C TYR B 275 14.36 -23.00 -34.73
N LYS B 276 14.13 -22.63 -35.98
CA LYS B 276 15.02 -21.71 -36.66
C LYS B 276 14.11 -20.70 -37.27
N GLY B 277 14.48 -19.44 -37.19
CA GLY B 277 13.70 -18.46 -37.88
C GLY B 277 13.29 -17.40 -36.93
N ASP B 278 12.19 -16.73 -37.26
CA ASP B 278 11.76 -15.55 -36.56
C ASP B 278 10.94 -15.94 -35.32
N PRO B 279 11.40 -15.57 -34.10
CA PRO B 279 10.69 -15.90 -32.85
C PRO B 279 9.23 -15.36 -32.71
N LYS B 280 8.94 -14.30 -33.48
CA LYS B 280 7.62 -13.71 -33.52
C LYS B 280 6.64 -14.54 -34.41
N ALA B 281 7.14 -15.24 -35.42
CA ALA B 281 6.32 -16.20 -36.22
C ALA B 281 5.88 -17.55 -35.55
N VAL B 282 6.28 -17.79 -34.29
CA VAL B 282 6.23 -19.15 -33.71
C VAL B 282 4.80 -19.51 -33.45
N LYS B 283 4.41 -20.75 -33.78
CA LYS B 283 3.02 -21.23 -33.75
C LYS B 283 2.98 -22.74 -33.59
N ILE B 284 1.91 -23.27 -32.99
CA ILE B 284 1.81 -24.71 -32.76
C ILE B 284 1.75 -25.45 -34.14
N GLU B 285 2.36 -26.63 -34.26
CA GLU B 285 2.16 -27.42 -35.50
C GLU B 285 1.30 -28.66 -35.17
N GLU B 286 0.81 -29.35 -36.20
CA GLU B 286 -0.04 -30.46 -36.09
C GLU B 286 0.52 -31.54 -35.14
N SER B 287 1.78 -31.88 -35.29
CA SER B 287 2.35 -32.99 -34.50
C SER B 287 2.49 -32.67 -33.02
N GLU B 288 2.57 -31.37 -32.71
CA GLU B 288 2.58 -30.97 -31.30
C GLU B 288 1.25 -31.24 -30.60
N ILE B 289 0.19 -30.93 -31.34
CA ILE B 289 -1.17 -31.13 -30.94
C ILE B 289 -1.36 -32.60 -30.73
N ASN B 290 -1.08 -33.39 -31.76
CA ASN B 290 -1.09 -34.89 -31.68
C ASN B 290 -0.33 -35.42 -30.49
N TYR B 291 0.86 -34.87 -30.26
CA TYR B 291 1.76 -35.30 -29.20
C TYR B 291 1.13 -35.04 -27.83
N LEU B 292 0.65 -33.82 -27.65
CA LEU B 292 0.07 -33.39 -26.36
C LEU B 292 -1.25 -34.11 -26.07
N LEU B 293 -2.13 -34.23 -27.08
CA LEU B 293 -3.36 -35.01 -26.90
C LEU B 293 -3.06 -36.48 -26.63
N ASN B 294 -2.04 -37.01 -27.32
CA ASN B 294 -1.64 -38.41 -27.00
C ASN B 294 -1.34 -38.69 -25.54
N VAL B 295 -0.42 -37.95 -24.91
CA VAL B 295 -0.02 -38.26 -23.56
C VAL B 295 -1.15 -37.98 -22.53
N TYR B 296 -1.94 -36.95 -22.82
CA TYR B 296 -3.16 -36.73 -22.06
C TYR B 296 -4.08 -37.98 -22.21
N ASN B 297 -4.43 -38.36 -23.43
CA ASN B 297 -5.45 -39.37 -23.69
C ASN B 297 -5.09 -40.82 -23.24
N THR B 298 -3.78 -41.05 -23.15
CA THR B 298 -3.11 -42.23 -22.62
C THR B 298 -3.29 -42.34 -21.12
N HIS B 299 -3.32 -41.20 -20.42
CA HIS B 299 -3.43 -41.22 -19.00
C HIS B 299 -4.83 -41.07 -18.41
N PHE B 300 -5.69 -40.24 -19.05
CA PHE B 300 -6.99 -39.84 -18.47
C PHE B 300 -8.12 -40.58 -19.14
N LYS B 301 -9.19 -40.88 -18.38
CA LYS B 301 -10.36 -41.56 -18.94
C LYS B 301 -11.17 -40.67 -19.84
N LYS B 302 -11.31 -39.40 -19.47
CA LYS B 302 -12.07 -38.44 -20.28
C LYS B 302 -11.16 -38.00 -21.43
N GLN B 303 -11.52 -38.46 -22.62
CA GLN B 303 -10.75 -38.34 -23.81
C GLN B 303 -10.99 -36.96 -24.48
N LEU B 304 -9.91 -36.38 -25.01
CA LEU B 304 -10.01 -35.13 -25.75
C LEU B 304 -9.84 -35.35 -27.23
N SER B 305 -10.54 -34.59 -28.04
CA SER B 305 -10.13 -34.56 -29.43
C SER B 305 -9.61 -33.14 -29.78
N ARG B 306 -9.22 -32.93 -31.02
CA ARG B 306 -8.73 -31.66 -31.45
C ARG B 306 -9.86 -30.59 -31.48
N ASP B 307 -11.11 -30.98 -31.71
CA ASP B 307 -12.25 -30.04 -31.67
C ASP B 307 -12.56 -29.47 -30.29
N ASP B 308 -12.05 -30.11 -29.23
CA ASP B 308 -12.07 -29.61 -27.87
C ASP B 308 -11.19 -28.39 -27.59
N ILE B 309 -10.21 -28.17 -28.44
CA ILE B 309 -9.20 -27.18 -28.18
C ILE B 309 -9.81 -25.77 -28.37
N VAL B 310 -9.68 -24.93 -27.35
CA VAL B 310 -10.25 -23.52 -27.42
C VAL B 310 -9.20 -22.44 -27.72
N TRP B 311 -7.93 -22.73 -27.45
CA TRP B 311 -6.83 -21.78 -27.68
C TRP B 311 -5.55 -22.57 -27.61
N THR B 312 -4.52 -22.02 -28.27
CA THR B 312 -3.16 -22.55 -28.25
C THR B 312 -2.21 -21.37 -28.11
N TYR B 313 -1.02 -21.58 -27.58
CA TYR B 313 0.01 -20.56 -27.67
C TYR B 313 1.34 -21.29 -27.81
N SER B 314 2.40 -20.54 -28.15
CA SER B 314 3.69 -21.10 -28.53
C SER B 314 4.77 -20.01 -28.33
N GLY B 315 5.99 -20.44 -27.98
CA GLY B 315 7.06 -19.57 -27.67
C GLY B 315 8.33 -20.35 -27.94
N VAL B 316 9.45 -19.65 -28.00
CA VAL B 316 10.75 -20.29 -28.13
C VAL B 316 11.65 -20.06 -26.92
N ARG B 317 12.07 -21.15 -26.28
CA ARG B 317 13.11 -21.02 -25.20
C ARG B 317 14.43 -20.46 -25.76
N PRO B 318 14.92 -19.35 -25.20
CA PRO B 318 16.25 -18.96 -25.68
C PRO B 318 17.36 -19.67 -24.78
N LEU B 319 17.77 -20.89 -25.13
CA LEU B 319 18.57 -21.72 -24.21
C LEU B 319 20.03 -21.54 -24.53
N CYS B 320 20.82 -21.28 -23.48
CA CYS B 320 22.28 -21.24 -23.65
C CYS B 320 22.69 -22.57 -24.34
N ASP B 321 23.36 -22.44 -25.47
CA ASP B 321 23.74 -23.60 -26.30
C ASP B 321 24.90 -24.41 -25.67
N ASP B 322 24.56 -25.36 -24.77
CA ASP B 322 25.54 -26.33 -24.25
C ASP B 322 25.88 -27.46 -25.27
N GLU B 323 25.38 -27.32 -26.51
CA GLU B 323 25.77 -28.15 -27.68
C GLU B 323 25.21 -29.54 -27.58
N SER B 324 24.11 -29.67 -26.84
CA SER B 324 23.54 -30.97 -26.41
C SER B 324 23.15 -32.05 -27.43
N ASP B 325 22.32 -31.73 -28.42
CA ASP B 325 21.84 -32.76 -29.38
C ASP B 325 20.33 -33.04 -29.16
N SER B 326 19.95 -33.46 -27.95
CA SER B 326 18.53 -33.59 -27.64
C SER B 326 18.03 -32.31 -26.93
N PRO B 327 17.02 -31.63 -27.53
CA PRO B 327 16.50 -30.37 -27.00
C PRO B 327 16.02 -30.47 -25.57
N GLN B 328 15.42 -31.60 -25.20
CA GLN B 328 14.94 -31.83 -23.80
C GLN B 328 16.07 -31.90 -22.81
N ALA B 329 17.27 -32.28 -23.29
CA ALA B 329 18.49 -32.34 -22.43
C ALA B 329 19.30 -31.02 -22.28
N ILE B 330 19.04 -30.02 -23.12
CA ILE B 330 19.78 -28.74 -23.04
C ILE B 330 19.54 -28.11 -21.66
N THR B 331 20.62 -27.55 -21.06
CA THR B 331 20.49 -26.95 -19.74
C THR B 331 19.46 -25.76 -19.80
N ARG B 332 18.69 -25.63 -18.72
CA ARG B 332 17.79 -24.50 -18.55
C ARG B 332 18.46 -23.40 -17.74
N ASP B 333 19.59 -23.71 -17.11
CA ASP B 333 20.32 -22.70 -16.31
C ASP B 333 20.70 -21.50 -17.18
N TYR B 334 20.71 -20.31 -16.60
CA TYR B 334 21.19 -19.15 -17.30
C TYR B 334 22.73 -18.94 -17.27
N THR B 335 23.24 -18.21 -18.26
CA THR B 335 24.61 -17.70 -18.16
C THR B 335 24.59 -16.19 -18.38
N LEU B 336 25.25 -15.44 -17.50
CA LEU B 336 25.46 -13.98 -17.75
C LEU B 336 26.90 -13.76 -18.15
N ASP B 337 27.10 -12.92 -19.17
CA ASP B 337 28.42 -12.52 -19.56
C ASP B 337 28.54 -11.02 -19.30
N ILE B 338 29.68 -10.57 -18.74
CA ILE B 338 29.96 -9.15 -18.69
C ILE B 338 31.31 -8.73 -19.36
N HIS B 339 31.34 -7.67 -20.15
CA HIS B 339 32.57 -7.24 -20.82
C HIS B 339 32.66 -5.72 -20.92
N ASP B 340 33.84 -5.16 -20.59
CA ASP B 340 34.09 -3.70 -20.79
C ASP B 340 35.19 -3.43 -21.85
N GLU B 341 35.37 -2.16 -22.19
CA GLU B 341 36.49 -1.70 -23.03
C GLU B 341 37.22 -0.53 -22.35
N ASN B 342 38.42 -0.80 -21.82
CA ASN B 342 39.27 0.21 -21.12
C ASN B 342 38.69 0.58 -19.74
N GLY B 343 38.10 -0.43 -19.06
CA GLY B 343 37.43 -0.28 -17.73
C GLY B 343 36.11 0.53 -17.72
N LYS B 344 35.59 0.84 -18.92
CA LYS B 344 34.36 1.58 -19.06
C LYS B 344 33.32 0.90 -20.00
N ALA B 345 32.10 1.47 -20.02
CA ALA B 345 30.98 0.99 -20.84
C ALA B 345 30.87 -0.54 -20.78
N PRO B 346 30.52 -1.09 -19.60
CA PRO B 346 30.31 -2.53 -19.52
C PRO B 346 29.07 -2.92 -20.35
N LEU B 347 29.06 -4.17 -20.79
CA LEU B 347 27.95 -4.86 -21.50
C LEU B 347 27.66 -6.19 -20.81
N LEU B 348 26.47 -6.26 -20.23
CA LEU B 348 26.00 -7.46 -19.59
C LEU B 348 24.96 -8.11 -20.54
N SER B 349 25.10 -9.40 -20.80
CA SER B 349 24.27 -10.02 -21.82
C SER B 349 23.72 -11.22 -21.14
N VAL B 350 22.47 -11.57 -21.43
CA VAL B 350 21.82 -12.65 -20.69
C VAL B 350 21.47 -13.78 -21.61
N PHE B 351 21.85 -15.00 -21.20
CA PHE B 351 21.60 -16.20 -21.98
C PHE B 351 20.82 -17.14 -21.11
N GLY B 352 19.60 -17.44 -21.54
CA GLY B 352 18.76 -18.43 -20.86
C GLY B 352 18.07 -17.74 -19.67
N GLY B 353 17.55 -18.53 -18.74
CA GLY B 353 17.03 -17.91 -17.52
C GLY B 353 15.53 -17.99 -17.47
N LYS B 354 15.06 -19.05 -16.78
CA LYS B 354 13.68 -19.32 -16.45
C LYS B 354 13.00 -18.14 -15.74
N LEU B 355 11.70 -18.05 -15.88
CA LEU B 355 10.94 -17.11 -15.14
C LEU B 355 11.21 -17.33 -13.62
N THR B 356 11.17 -18.57 -13.15
CA THR B 356 11.46 -18.98 -11.76
C THR B 356 12.68 -18.30 -11.05
N THR B 357 13.76 -18.03 -11.84
CA THR B 357 15.08 -17.66 -11.36
C THR B 357 15.38 -16.24 -11.76
N TYR B 358 14.39 -15.49 -12.28
CA TYR B 358 14.67 -14.14 -12.79
C TYR B 358 15.28 -13.21 -11.72
N ARG B 359 14.79 -13.29 -10.49
CA ARG B 359 15.19 -12.30 -9.49
C ARG B 359 16.65 -12.56 -9.06
N LYS B 360 17.03 -13.82 -8.97
CA LYS B 360 18.40 -14.21 -8.69
C LYS B 360 19.27 -13.78 -9.82
N LEU B 361 18.78 -14.05 -11.04
CA LEU B 361 19.47 -13.59 -12.25
C LEU B 361 19.74 -12.12 -12.14
N ALA B 362 18.72 -11.32 -11.79
CA ALA B 362 18.87 -9.85 -11.78
C ALA B 362 19.94 -9.39 -10.78
N GLU B 363 20.03 -10.16 -9.71
CA GLU B 363 20.88 -9.82 -8.58
C GLU B 363 22.32 -10.14 -8.97
N HIS B 364 22.55 -11.33 -9.56
CA HIS B 364 23.85 -11.68 -10.13
C HIS B 364 24.33 -10.61 -11.11
N ALA B 365 23.41 -10.13 -11.97
CA ALA B 365 23.73 -9.12 -12.97
C ALA B 365 24.21 -7.80 -12.36
N LEU B 366 23.51 -7.36 -11.31
CA LEU B 366 23.89 -6.12 -10.68
C LEU B 366 25.22 -6.29 -9.90
N GLU B 367 25.43 -7.45 -9.33
CA GLU B 367 26.71 -7.83 -8.73
C GLU B 367 27.89 -7.56 -9.71
N LYS B 368 27.76 -8.08 -10.94
CA LYS B 368 28.74 -7.87 -12.02
C LYS B 368 28.79 -6.44 -12.52
N LEU B 369 27.72 -5.67 -12.41
CA LEU B 369 27.78 -4.25 -12.80
C LEU B 369 28.33 -3.35 -11.70
N THR B 370 28.36 -3.85 -10.48
CA THR B 370 28.80 -3.05 -9.29
C THR B 370 30.16 -2.29 -9.50
N PRO B 371 31.26 -3.03 -9.78
CA PRO B 371 32.52 -2.26 -9.96
C PRO B 371 32.33 -0.92 -10.72
N TYR B 372 31.38 -0.85 -11.65
CA TYR B 372 31.29 0.29 -12.58
C TYR B 372 30.49 1.44 -12.08
N TYR B 373 29.87 1.23 -10.92
CA TYR B 373 28.94 2.25 -10.43
C TYR B 373 29.29 2.76 -9.03
N GLN B 374 29.80 4.00 -9.03
CA GLN B 374 30.17 4.79 -7.85
C GLN B 374 29.49 4.42 -6.52
N GLY B 375 28.45 5.17 -6.16
CA GLY B 375 27.77 4.91 -4.88
C GLY B 375 26.52 4.04 -4.97
N ILE B 376 26.63 2.89 -5.66
CA ILE B 376 25.51 1.95 -6.00
C ILE B 376 25.11 1.03 -4.84
N GLY B 377 24.11 0.17 -5.13
CA GLY B 377 23.86 -1.10 -4.40
C GLY B 377 23.26 -0.59 -3.13
N PRO B 378 23.01 -1.48 -2.16
CA PRO B 378 23.26 -2.91 -2.23
C PRO B 378 21.99 -3.68 -2.68
N ALA B 379 22.06 -5.02 -2.59
CA ALA B 379 20.98 -5.87 -2.98
C ALA B 379 19.80 -5.57 -2.03
N TRP B 380 18.56 -5.79 -2.52
CA TRP B 380 17.38 -5.38 -1.79
C TRP B 380 16.08 -6.10 -2.17
N THR B 381 16.09 -6.94 -3.22
CA THR B 381 14.76 -7.41 -3.78
C THR B 381 14.13 -8.58 -3.06
N LYS B 382 14.95 -9.40 -2.42
CA LYS B 382 14.44 -10.52 -1.64
C LYS B 382 13.39 -10.09 -0.61
N GLU B 383 13.56 -8.88 -0.07
CA GLU B 383 12.61 -8.33 0.89
C GLU B 383 11.60 -7.30 0.32
N SER B 384 11.53 -7.16 -1.00
CA SER B 384 10.61 -6.21 -1.59
C SER B 384 9.26 -6.86 -1.74
N VAL B 385 8.26 -6.05 -2.02
CA VAL B 385 6.93 -6.58 -2.33
C VAL B 385 6.63 -5.85 -3.61
N LEU B 386 6.35 -6.60 -4.70
CA LEU B 386 6.17 -5.94 -6.04
C LEU B 386 4.87 -5.07 -6.08
N PRO B 387 4.79 -4.07 -6.99
CA PRO B 387 3.51 -3.37 -7.15
C PRO B 387 2.32 -4.32 -7.27
N GLY B 388 1.26 -4.16 -6.47
CA GLY B 388 0.06 -4.98 -6.52
C GLY B 388 0.07 -6.04 -5.46
N GLY B 389 1.25 -6.31 -4.89
CA GLY B 389 1.45 -7.45 -4.00
C GLY B 389 1.11 -7.06 -2.55
N ALA B 390 0.79 -5.82 -2.27
CA ALA B 390 0.56 -5.44 -0.85
C ALA B 390 -0.85 -5.82 -0.37
N ILE B 391 -1.15 -7.10 -0.25
CA ILE B 391 -2.54 -7.50 -0.05
C ILE B 391 -2.88 -8.00 1.37
N GLU B 392 -1.88 -8.43 2.13
CA GLU B 392 -2.07 -8.84 3.57
C GLU B 392 -3.17 -9.91 3.91
N GLY B 393 -3.05 -11.18 3.50
CA GLY B 393 -1.92 -11.72 2.75
C GLY B 393 -2.18 -12.79 1.69
N ASP B 394 -3.44 -13.18 1.48
CA ASP B 394 -3.80 -14.09 0.38
C ASP B 394 -4.97 -13.58 -0.48
N ARG B 395 -4.87 -13.78 -1.80
CA ARG B 395 -5.94 -13.43 -2.73
C ARG B 395 -7.15 -14.17 -2.24
N ASP B 396 -8.34 -13.68 -2.44
CA ASP B 396 -9.50 -14.51 -1.95
C ASP B 396 -9.94 -13.87 -0.66
N ASP B 397 -9.03 -13.80 0.33
CA ASP B 397 -9.24 -12.91 1.49
C ASP B 397 -9.25 -11.49 0.96
N TYR B 398 -8.27 -11.13 0.12
CA TYR B 398 -8.26 -9.79 -0.46
C TYR B 398 -9.50 -9.50 -1.26
N ALA B 399 -9.98 -10.48 -2.03
CA ALA B 399 -11.15 -10.28 -2.89
C ALA B 399 -12.40 -10.08 -1.99
N ALA B 400 -12.45 -10.82 -0.88
CA ALA B 400 -13.56 -10.62 0.07
C ALA B 400 -13.53 -9.19 0.71
N ARG B 401 -12.36 -8.77 1.21
CA ARG B 401 -12.10 -7.38 1.65
C ARG B 401 -12.42 -6.31 0.59
N LEU B 402 -12.22 -6.62 -0.69
CA LEU B 402 -12.47 -5.64 -1.75
C LEU B 402 -13.94 -5.53 -1.91
N ARG B 403 -14.62 -6.66 -1.88
CA ARG B 403 -16.07 -6.65 -1.95
C ARG B 403 -16.70 -5.95 -0.73
N ARG B 404 -16.17 -6.19 0.47
CA ARG B 404 -16.61 -5.47 1.69
C ARG B 404 -16.48 -3.96 1.45
N ARG B 405 -15.30 -3.52 1.03
CA ARG B 405 -15.05 -2.12 0.67
C ARG B 405 -15.90 -1.55 -0.46
N TYR B 406 -15.98 -2.27 -1.58
CA TYR B 406 -16.68 -1.80 -2.77
C TYR B 406 -17.86 -2.73 -3.04
N PRO B 407 -19.01 -2.53 -2.36
CA PRO B 407 -19.97 -3.64 -2.37
C PRO B 407 -20.82 -3.74 -3.64
N PHE B 408 -20.71 -2.76 -4.54
CA PHE B 408 -21.23 -2.95 -5.92
C PHE B 408 -20.50 -4.03 -6.75
N LEU B 409 -19.31 -4.46 -6.32
CA LEU B 409 -18.59 -5.50 -7.10
C LEU B 409 -19.21 -6.87 -6.91
N THR B 410 -19.63 -7.49 -8.01
CA THR B 410 -19.97 -8.92 -7.99
C THR B 410 -18.80 -9.73 -7.48
N GLU B 411 -19.09 -10.95 -7.07
CA GLU B 411 -18.07 -11.80 -6.53
C GLU B 411 -17.05 -12.17 -7.63
N SER B 412 -17.52 -12.33 -8.86
CA SER B 412 -16.58 -12.69 -9.92
C SER B 412 -15.63 -11.50 -10.28
N LEU B 413 -16.17 -10.26 -10.40
CA LEU B 413 -15.35 -9.07 -10.64
C LEU B 413 -14.39 -8.83 -9.49
N ALA B 414 -14.83 -9.01 -8.25
CA ALA B 414 -13.93 -8.75 -7.15
C ALA B 414 -12.76 -9.75 -7.21
N ARG B 415 -13.09 -11.00 -7.51
CA ARG B 415 -12.08 -12.02 -7.66
C ARG B 415 -11.09 -11.66 -8.80
N HIS B 416 -11.62 -11.20 -9.94
CA HIS B 416 -10.75 -10.83 -11.05
C HIS B 416 -9.81 -9.71 -10.63
N TYR B 417 -10.35 -8.63 -10.05
CA TYR B 417 -9.49 -7.50 -9.60
C TYR B 417 -8.45 -7.95 -8.62
N ALA B 418 -8.79 -8.80 -7.66
CA ALA B 418 -7.81 -9.18 -6.63
C ALA B 418 -6.68 -10.05 -7.19
N ARG B 419 -7.09 -10.98 -8.05
CA ARG B 419 -6.13 -11.87 -8.66
C ARG B 419 -5.33 -11.25 -9.83
N THR B 420 -5.72 -10.06 -10.27
CA THR B 420 -4.96 -9.35 -11.29
C THR B 420 -4.22 -8.13 -10.84
N TYR B 421 -4.95 -7.21 -10.27
CA TYR B 421 -4.39 -5.91 -9.84
C TYR B 421 -3.89 -5.95 -8.41
N GLY B 422 -4.42 -6.86 -7.60
CA GLY B 422 -4.11 -6.93 -6.18
C GLY B 422 -4.35 -5.58 -5.56
N SER B 423 -3.34 -5.10 -4.83
CA SER B 423 -3.43 -3.81 -4.17
C SER B 423 -3.50 -2.59 -5.10
N ASN B 424 -3.27 -2.73 -6.41
CA ASN B 424 -3.49 -1.64 -7.37
C ASN B 424 -5.01 -1.45 -7.72
N SER B 425 -5.87 -2.34 -7.22
CA SER B 425 -7.32 -2.26 -7.47
C SER B 425 -7.95 -0.94 -7.04
N GLU B 426 -7.48 -0.34 -5.92
CA GLU B 426 -8.09 0.95 -5.44
C GLU B 426 -7.71 2.05 -6.40
N LEU B 427 -6.58 1.87 -7.07
CA LEU B 427 -6.20 2.86 -8.06
C LEU B 427 -7.05 2.76 -9.33
N LEU B 428 -7.34 1.54 -9.75
CA LEU B 428 -8.28 1.30 -10.87
C LEU B 428 -9.72 1.79 -10.54
N LEU B 429 -10.22 1.49 -9.34
CA LEU B 429 -11.59 1.81 -9.08
C LEU B 429 -11.80 3.33 -8.80
N GLY B 430 -10.72 4.00 -8.34
CA GLY B 430 -10.73 5.45 -8.12
C GLY B 430 -11.96 5.85 -7.31
N ASN B 431 -12.73 6.80 -7.87
CA ASN B 431 -13.90 7.33 -7.18
C ASN B 431 -15.24 6.62 -7.50
N ALA B 432 -15.19 5.50 -8.25
CA ALA B 432 -16.39 4.64 -8.58
C ALA B 432 -17.15 4.17 -7.36
N GLY B 433 -18.47 4.29 -7.38
CA GLY B 433 -19.30 3.82 -6.27
C GLY B 433 -20.50 2.97 -6.66
N THR B 434 -20.71 2.79 -7.97
CA THR B 434 -21.70 1.89 -8.52
C THR B 434 -21.07 1.15 -9.73
N VAL B 435 -21.80 0.15 -10.28
CA VAL B 435 -21.39 -0.56 -11.50
C VAL B 435 -21.34 0.44 -12.63
N SER B 436 -22.31 1.31 -12.65
CA SER B 436 -22.46 2.26 -13.74
C SER B 436 -21.28 3.27 -13.85
N ASP B 437 -20.61 3.53 -12.72
CA ASP B 437 -19.38 4.35 -12.66
C ASP B 437 -18.18 3.67 -13.32
N LEU B 438 -18.28 2.38 -13.62
CA LEU B 438 -17.22 1.66 -14.35
C LEU B 438 -17.19 1.93 -15.85
N GLY B 439 -18.26 2.54 -16.38
CA GLY B 439 -18.32 2.92 -17.78
C GLY B 439 -18.70 1.75 -18.68
N GLU B 440 -18.36 1.85 -19.95
CA GLU B 440 -18.74 0.89 -20.96
C GLU B 440 -18.42 -0.56 -20.57
N ASP B 441 -19.39 -1.44 -20.81
CA ASP B 441 -19.16 -2.84 -20.54
C ASP B 441 -18.74 -3.42 -21.87
N PHE B 442 -17.52 -3.98 -21.90
CA PHE B 442 -17.00 -4.47 -23.17
C PHE B 442 -17.27 -5.97 -23.26
N GLY B 443 -17.76 -6.56 -22.20
CA GLY B 443 -18.01 -8.00 -22.18
C GLY B 443 -17.29 -8.68 -21.04
N HIS B 444 -17.88 -9.77 -20.51
CA HIS B 444 -17.36 -10.55 -19.41
C HIS B 444 -16.85 -9.60 -18.32
N GLU B 445 -17.58 -8.49 -18.02
CA GLU B 445 -17.22 -7.62 -16.86
C GLU B 445 -15.83 -6.97 -17.00
N PHE B 446 -15.48 -6.72 -18.24
CA PHE B 446 -14.29 -6.03 -18.57
C PHE B 446 -14.75 -4.61 -18.86
N TYR B 447 -14.60 -3.72 -17.86
CA TYR B 447 -15.23 -2.38 -18.02
C TYR B 447 -14.22 -1.34 -18.43
N GLU B 448 -14.70 -0.23 -18.97
CA GLU B 448 -13.92 0.88 -19.36
C GLU B 448 -12.91 1.36 -18.26
N ALA B 449 -13.33 1.30 -17.02
CA ALA B 449 -12.53 1.67 -15.85
C ALA B 449 -11.25 0.83 -15.76
N GLU B 450 -11.37 -0.45 -16.08
CA GLU B 450 -10.18 -1.35 -16.12
C GLU B 450 -9.29 -1.03 -17.29
N LEU B 451 -9.89 -0.92 -18.47
CA LEU B 451 -9.14 -0.63 -19.68
C LEU B 451 -8.42 0.71 -19.63
N LYS B 452 -9.08 1.72 -19.07
CA LYS B 452 -8.47 3.07 -18.92
C LYS B 452 -7.30 2.94 -17.99
N TYR B 453 -7.51 2.24 -16.90
CA TYR B 453 -6.47 2.04 -15.92
C TYR B 453 -5.28 1.27 -16.55
N LEU B 454 -5.57 0.31 -17.40
CA LEU B 454 -4.47 -0.41 -18.15
C LEU B 454 -3.65 0.50 -19.06
N VAL B 455 -4.30 1.43 -19.76
CA VAL B 455 -3.56 2.36 -20.61
C VAL B 455 -2.70 3.30 -19.71
N ASP B 456 -3.27 3.74 -18.59
CA ASP B 456 -2.68 4.85 -17.73
C ASP B 456 -1.54 4.31 -16.87
N HIS B 457 -1.65 3.04 -16.47
CA HIS B 457 -0.74 2.49 -15.48
C HIS B 457 -0.02 1.19 -15.89
N GLU B 458 -0.42 0.56 -17.02
CA GLU B 458 0.15 -0.73 -17.43
C GLU B 458 0.61 -0.77 -18.87
N TRP B 459 0.88 0.39 -19.47
CA TRP B 459 1.49 0.48 -20.83
C TRP B 459 0.67 -0.14 -21.97
N VAL B 460 -0.62 -0.38 -21.76
CA VAL B 460 -1.46 -0.92 -22.80
C VAL B 460 -1.61 0.07 -23.95
N ARG B 461 -1.37 -0.40 -25.17
CA ARG B 461 -1.46 0.40 -26.34
C ARG B 461 -2.38 -0.25 -27.38
N ARG B 462 -2.42 -1.59 -27.43
CA ARG B 462 -3.26 -2.36 -28.43
C ARG B 462 -4.13 -3.37 -27.68
N ALA B 463 -5.21 -3.83 -28.32
CA ALA B 463 -6.18 -4.74 -27.64
C ALA B 463 -5.50 -5.98 -27.04
N ASP B 464 -4.53 -6.51 -27.74
CA ASP B 464 -3.94 -7.79 -27.30
C ASP B 464 -3.14 -7.60 -26.02
N ASP B 465 -2.55 -6.42 -25.83
CA ASP B 465 -1.83 -6.13 -24.59
C ASP B 465 -2.77 -6.25 -23.40
N ALA B 466 -3.97 -5.69 -23.54
CA ALA B 466 -5.00 -5.74 -22.50
C ALA B 466 -5.65 -7.09 -22.36
N LEU B 467 -5.98 -7.73 -23.52
CA LEU B 467 -6.80 -8.91 -23.49
C LEU B 467 -6.05 -10.20 -23.44
N TRP B 468 -4.77 -10.14 -23.70
CA TRP B 468 -3.98 -11.38 -23.73
C TRP B 468 -2.75 -11.39 -22.86
N ARG B 469 -2.29 -10.22 -22.44
CA ARG B 469 -1.11 -10.10 -21.58
C ARG B 469 -1.37 -9.58 -20.19
N ARG B 470 -1.97 -8.41 -20.06
CA ARG B 470 -2.33 -7.87 -18.76
C ARG B 470 -3.44 -8.71 -18.14
N THR B 471 -4.30 -9.25 -19.01
CA THR B 471 -5.39 -10.12 -18.58
C THR B 471 -5.44 -11.26 -19.56
N LYS B 472 -6.38 -12.20 -19.32
CA LYS B 472 -6.75 -13.23 -20.32
C LYS B 472 -8.23 -13.11 -20.78
N GLN B 473 -8.84 -11.92 -20.60
CA GLN B 473 -10.20 -11.64 -21.10
C GLN B 473 -10.37 -12.05 -22.56
N GLY B 474 -9.28 -12.08 -23.36
CA GLY B 474 -9.39 -12.57 -24.75
C GLY B 474 -10.01 -13.99 -24.81
N MET B 475 -9.98 -14.72 -23.70
CA MET B 475 -10.57 -16.07 -23.69
C MET B 475 -12.12 -16.01 -23.80
N TRP B 476 -12.73 -14.87 -23.42
CA TRP B 476 -14.16 -14.74 -23.40
C TRP B 476 -14.74 -13.73 -24.43
N LEU B 477 -13.98 -12.74 -24.87
CA LEU B 477 -14.60 -11.67 -25.64
C LEU B 477 -14.72 -12.19 -27.06
N ASN B 478 -15.89 -12.03 -27.70
CA ASN B 478 -15.99 -12.44 -29.12
C ASN B 478 -15.24 -11.45 -30.03
N ALA B 479 -15.22 -11.72 -31.34
CA ALA B 479 -14.48 -10.92 -32.29
C ALA B 479 -14.96 -9.45 -32.38
N ASP B 480 -16.27 -9.25 -32.32
CA ASP B 480 -16.81 -7.90 -32.33
C ASP B 480 -16.46 -7.19 -31.02
N GLN B 481 -16.46 -7.89 -29.91
CA GLN B 481 -16.08 -7.25 -28.64
C GLN B 481 -14.63 -6.86 -28.58
N GLN B 482 -13.75 -7.68 -29.20
CA GLN B 482 -12.29 -7.38 -29.23
C GLN B 482 -12.01 -6.18 -30.13
N SER B 483 -12.77 -6.12 -31.20
CA SER B 483 -12.74 -5.00 -32.14
C SER B 483 -13.19 -3.65 -31.53
N ARG B 484 -14.24 -3.64 -30.75
CA ARG B 484 -14.63 -2.51 -29.93
C ARG B 484 -13.53 -2.10 -28.89
N VAL B 485 -12.87 -3.05 -28.22
CA VAL B 485 -11.72 -2.73 -27.33
C VAL B 485 -10.66 -1.99 -28.15
N SER B 486 -10.30 -2.46 -29.35
CA SER B 486 -9.34 -1.69 -30.20
C SER B 486 -9.79 -0.29 -30.59
N GLN B 487 -11.10 -0.14 -30.87
CA GLN B 487 -11.70 1.10 -31.29
C GLN B 487 -11.64 2.07 -30.12
N TRP B 488 -12.02 1.63 -28.93
CA TRP B 488 -11.89 2.48 -27.75
C TRP B 488 -10.44 2.94 -27.55
N LEU B 489 -9.44 2.06 -27.66
CA LEU B 489 -8.03 2.43 -27.38
C LEU B 489 -7.49 3.47 -28.39
N VAL B 490 -7.94 3.33 -29.65
CA VAL B 490 -7.63 4.27 -30.68
C VAL B 490 -8.14 5.64 -30.24
N GLU B 491 -9.43 5.75 -29.95
CA GLU B 491 -10.08 6.94 -29.42
C GLU B 491 -9.35 7.49 -28.20
N TYR B 492 -9.16 6.68 -27.16
CA TYR B 492 -8.52 7.15 -25.94
C TYR B 492 -7.09 7.61 -26.14
N THR B 493 -6.28 6.84 -26.85
CA THR B 493 -4.82 7.09 -26.92
C THR B 493 -4.38 8.00 -28.04
N GLN B 494 -5.30 8.51 -28.85
CA GLN B 494 -4.87 9.10 -30.10
C GLN B 494 -5.64 10.38 -30.43
#